data_1ZVW
#
_entry.id   1ZVW
#
_cell.length_a   80.417
_cell.length_b   82.076
_cell.length_c   118.873
_cell.angle_alpha   90.00
_cell.angle_beta   90.00
_cell.angle_gamma   90.00
#
_symmetry.space_group_name_H-M   'P 21 21 21'
#
loop_
_entity.id
_entity.type
_entity.pdbx_description
1 polymer 'Anthranilate phosphoribosyltransferase'
2 non-polymer 'MAGNESIUM ION'
3 non-polymer 1-O-pyrophosphono-5-O-phosphono-alpha-D-ribofuranose
4 non-polymer BENZAMIDINE
5 water water
#
_entity_poly.entity_id   1
_entity_poly.type   'polypeptide(L)'
_entity_poly.pdbx_seq_one_letter_code
;(MSE)ALSAEGSSGGSRGGSPKAEAASVPSWPQILGRLTDNRDLARGQAAWA(MSE)DQI(MSE)TGNARPAQIAAFAVA
(MSE)T(MSE)KAPTADEVGELAGV(MSE)LSHAHPLPADTVPDDAVDVVGTGGDGVNTVNLST(MSE)AAIVVAAAGVP
VVKHGNRAASSLSGGADTLEALGVRIDLGPDLVARSLAEVGIGFCFAPRFHPSYRHAAAVRREIGVPTVFNLLGPLTNPA
RPRAGLIGCAFADLAEV(MSE)AGVFAARRSSVLVVHGDDGLDELTTTTTSTIWRVAAGSVDKLTFDPAGFGFARAQLDQ
LAGGDAQANAAAVRAVLGGARGPVRDAVVLNAAGAIVAHAGLSSRAEWLPAWEEGLRRASAAIDTGAAEQLLARWVRFGR
QILEHHHHHH
;
_entity_poly.pdbx_strand_id   A,B
#
# COMPACT_ATOMS: atom_id res chain seq x y z
N PRO A 25 -10.56 47.13 12.18
CA PRO A 25 -11.44 47.51 11.08
C PRO A 25 -12.78 47.88 11.65
N SER A 26 -13.67 48.49 10.87
CA SER A 26 -15.00 48.74 11.41
C SER A 26 -15.95 48.70 10.24
N TRP A 27 -17.23 48.58 10.48
CA TRP A 27 -18.20 48.66 9.39
C TRP A 27 -18.17 49.92 8.50
N PRO A 28 -18.17 51.17 9.07
CA PRO A 28 -18.12 52.37 8.24
C PRO A 28 -16.77 52.49 7.48
N GLN A 29 -15.73 52.02 8.10
CA GLN A 29 -14.48 52.09 7.43
C GLN A 29 -14.47 51.17 6.18
N ILE A 30 -15.00 49.96 6.36
CA ILE A 30 -15.01 48.95 5.30
C ILE A 30 -16.09 49.36 4.31
N LEU A 31 -17.30 49.63 4.83
CA LEU A 31 -18.40 50.01 3.94
C LEU A 31 -18.17 51.29 3.11
N GLY A 32 -17.39 52.23 3.63
CA GLY A 32 -17.08 53.48 2.99
C GLY A 32 -16.03 53.31 1.96
N ARG A 33 -15.06 52.46 2.25
CA ARG A 33 -14.08 52.11 1.24
C ARG A 33 -14.78 51.49 0.02
N LEU A 34 -15.72 50.58 0.28
CA LEU A 34 -16.46 49.89 -0.81
C LEU A 34 -17.29 50.87 -1.62
N THR A 35 -18.04 51.78 -0.96
CA THR A 35 -18.88 52.78 -1.69
C THR A 35 -18.05 53.83 -2.40
N ASP A 36 -16.82 54.04 -1.94
CA ASP A 36 -15.79 54.82 -2.62
C ASP A 36 -15.15 54.12 -3.87
N ASN A 37 -15.61 52.93 -4.18
CA ASN A 37 -15.07 52.09 -5.27
C ASN A 37 -13.61 51.69 -5.12
N ARG A 38 -13.22 51.43 -3.87
CA ARG A 38 -11.91 50.88 -3.59
C ARG A 38 -11.99 49.40 -3.23
N ASP A 39 -10.89 48.71 -3.52
CA ASP A 39 -10.61 47.41 -2.99
C ASP A 39 -10.40 47.55 -1.49
N LEU A 40 -10.71 46.50 -0.74
CA LEU A 40 -10.52 46.52 0.72
C LEU A 40 -9.03 46.40 1.05
N ALA A 41 -8.58 46.91 2.21
CA ALA A 41 -7.20 46.64 2.67
C ALA A 41 -7.16 45.22 3.26
N ARG A 42 -5.96 44.66 3.36
CA ARG A 42 -5.76 43.30 3.89
C ARG A 42 -6.40 43.16 5.30
N GLY A 43 -7.07 42.05 5.56
CA GLY A 43 -7.70 41.83 6.88
C GLY A 43 -9.12 42.35 6.91
N GLN A 44 -9.54 43.24 6.05
CA GLN A 44 -10.90 43.83 6.21
C GLN A 44 -12.03 42.89 5.77
N ALA A 45 -11.80 42.10 4.71
CA ALA A 45 -12.88 41.20 4.22
C ALA A 45 -13.07 40.08 5.24
N ALA A 46 -11.96 39.53 5.71
CA ALA A 46 -11.99 38.57 6.84
C ALA A 46 -12.67 39.05 8.10
N TRP A 47 -12.30 40.27 8.61
CA TRP A 47 -12.92 40.89 9.79
C TRP A 47 -14.41 40.96 9.57
N ALA A 48 -14.82 41.58 8.48
CA ALA A 48 -16.22 41.63 8.08
C ALA A 48 -16.94 40.24 8.02
N ASP A 50 -16.04 37.57 9.39
CA ASP A 50 -16.02 36.93 10.73
C ASP A 50 -17.04 37.56 11.71
N GLN A 51 -17.27 38.87 11.61
CA GLN A 51 -18.31 39.57 12.41
C GLN A 51 -19.66 39.00 12.11
N ILE A 52 -19.85 38.69 10.83
CA ILE A 52 -21.08 38.05 10.39
C ILE A 52 -21.21 36.63 10.90
N THR A 54 -19.86 35.25 13.61
CA THR A 54 -19.92 35.15 15.08
C THR A 54 -21.11 35.92 15.69
N GLY A 55 -21.97 36.48 14.85
CA GLY A 55 -23.26 37.00 15.29
C GLY A 55 -23.16 38.42 15.80
N ASN A 56 -22.31 39.17 15.10
CA ASN A 56 -21.96 40.53 15.45
C ASN A 56 -22.27 41.49 14.33
N ALA A 57 -23.30 41.22 13.54
CA ALA A 57 -23.69 42.13 12.46
C ALA A 57 -25.17 42.32 12.38
N ARG A 58 -25.54 43.54 12.01
CA ARG A 58 -26.90 43.94 11.80
C ARG A 58 -27.29 43.63 10.37
N PRO A 59 -28.56 43.28 10.18
CA PRO A 59 -28.97 42.86 8.86
C PRO A 59 -28.58 43.87 7.78
N ALA A 60 -28.68 45.19 8.02
CA ALA A 60 -28.25 46.23 7.06
C ALA A 60 -26.75 46.20 6.74
N GLN A 61 -25.91 45.80 7.69
CA GLN A 61 -24.49 45.71 7.49
C GLN A 61 -24.15 44.49 6.64
N ILE A 62 -24.87 43.41 6.91
CA ILE A 62 -24.75 42.14 6.18
C ILE A 62 -25.08 42.28 4.71
N ALA A 63 -26.22 42.91 4.47
CA ALA A 63 -26.74 43.05 3.12
C ALA A 63 -25.91 44.00 2.26
N ALA A 64 -25.63 45.16 2.81
CA ALA A 64 -24.67 46.13 2.29
C ALA A 64 -23.29 45.54 1.87
N PHE A 65 -22.62 44.84 2.81
CA PHE A 65 -21.33 44.20 2.52
C PHE A 65 -21.40 43.16 1.41
N ALA A 66 -22.33 42.22 1.52
CA ALA A 66 -22.48 41.10 0.59
C ALA A 66 -22.76 41.62 -0.82
N VAL A 67 -23.68 42.56 -0.91
CA VAL A 67 -24.05 43.16 -2.16
C VAL A 67 -22.89 43.94 -2.76
N ALA A 68 -22.25 44.83 -2.00
CA ALA A 68 -21.10 45.58 -2.45
C ALA A 68 -19.98 44.63 -2.92
N THR A 70 -20.53 41.69 -4.17
CA THR A 70 -20.98 41.03 -5.39
C THR A 70 -20.83 41.92 -6.60
N LYS A 72 -18.39 44.73 -6.87
CA LYS A 72 -17.00 45.04 -7.07
C LYS A 72 -16.33 43.86 -7.76
N ALA A 73 -15.43 44.14 -8.71
CA ALA A 73 -14.66 43.13 -9.32
C ALA A 73 -13.88 42.38 -8.21
N PRO A 74 -13.89 41.04 -8.27
CA PRO A 74 -13.29 40.27 -7.19
C PRO A 74 -11.77 40.32 -7.18
N THR A 75 -11.14 40.15 -6.05
CA THR A 75 -9.72 39.98 -6.09
C THR A 75 -9.36 38.69 -5.28
N ALA A 76 -8.18 38.14 -5.50
CA ALA A 76 -7.78 36.92 -4.87
C ALA A 76 -7.57 37.13 -3.36
N ASP A 77 -6.96 38.24 -2.98
CA ASP A 77 -6.85 38.55 -1.57
C ASP A 77 -8.16 38.64 -0.79
N GLU A 78 -9.21 39.24 -1.36
CA GLU A 78 -10.48 39.40 -0.66
C GLU A 78 -11.19 38.05 -0.68
N VAL A 79 -11.22 37.43 -1.85
CA VAL A 79 -11.86 36.15 -1.99
C VAL A 79 -11.24 35.03 -1.07
N GLY A 80 -9.91 34.99 -0.94
CA GLY A 80 -9.21 34.05 -0.08
C GLY A 80 -9.59 34.26 1.39
N GLU A 81 -9.73 35.53 1.77
CA GLU A 81 -10.18 36.01 3.09
C GLU A 81 -11.62 35.58 3.40
N LEU A 82 -12.56 35.82 2.49
CA LEU A 82 -13.91 35.38 2.71
C LEU A 82 -14.05 33.89 2.88
N ALA A 83 -13.34 33.13 2.00
CA ALA A 83 -13.38 31.69 1.92
C ALA A 83 -12.63 31.10 3.08
N GLY A 84 -11.50 31.73 3.45
CA GLY A 84 -10.75 31.30 4.59
C GLY A 84 -11.54 31.35 5.92
N VAL A 85 -12.23 32.45 6.14
CA VAL A 85 -13.13 32.61 7.26
C VAL A 85 -14.28 31.61 7.27
N LEU A 87 -14.39 28.75 5.70
CA LEU A 87 -13.83 27.42 5.88
C LEU A 87 -13.42 27.22 7.33
N SER A 88 -13.02 28.28 8.07
CA SER A 88 -12.73 28.08 9.49
C SER A 88 -13.94 27.74 10.35
N HIS A 89 -15.15 28.05 9.91
CA HIS A 89 -16.39 27.76 10.66
C HIS A 89 -17.03 26.46 10.18
N ALA A 90 -16.55 25.86 9.10
CA ALA A 90 -16.98 24.54 8.64
C ALA A 90 -16.58 23.33 9.54
N HIS A 91 -17.38 22.23 9.44
CA HIS A 91 -17.16 21.03 10.20
C HIS A 91 -16.13 20.19 9.42
N PRO A 92 -14.96 19.93 10.00
CA PRO A 92 -14.09 19.08 9.26
C PRO A 92 -14.51 17.60 9.33
N LEU A 93 -13.82 16.74 8.59
CA LEU A 93 -13.94 15.30 8.64
C LEU A 93 -12.90 14.83 9.61
N PRO A 94 -13.08 13.62 10.18
CA PRO A 94 -12.19 13.16 11.21
C PRO A 94 -10.77 13.13 10.71
N ALA A 95 -9.80 13.12 11.64
CA ALA A 95 -8.39 13.14 11.29
C ALA A 95 -8.07 11.93 10.49
N ASP A 96 -7.21 12.13 9.49
CA ASP A 96 -6.67 11.10 8.59
C ASP A 96 -7.70 10.24 7.94
N THR A 97 -8.78 10.88 7.52
CA THR A 97 -9.85 10.17 6.87
C THR A 97 -10.01 10.62 5.41
N VAL A 98 -9.29 11.68 5.01
CA VAL A 98 -9.25 12.10 3.60
C VAL A 98 -7.89 11.73 2.99
N PRO A 99 -7.90 10.89 1.94
CA PRO A 99 -6.66 10.59 1.27
C PRO A 99 -5.99 11.83 0.73
N ASP A 100 -4.68 11.75 0.64
CA ASP A 100 -3.90 12.80 0.10
C ASP A 100 -4.27 13.15 -1.31
N ASP A 101 -4.82 12.18 -2.03
CA ASP A 101 -5.01 12.44 -3.44
C ASP A 101 -6.52 12.60 -3.75
N ALA A 102 -7.34 12.88 -2.70
CA ALA A 102 -8.78 13.23 -2.95
C ALA A 102 -8.96 14.44 -3.88
N VAL A 103 -10.00 14.38 -4.70
CA VAL A 103 -10.38 15.40 -5.64
C VAL A 103 -11.81 15.85 -5.39
N ASP A 104 -12.12 17.12 -5.66
CA ASP A 104 -13.47 17.64 -5.85
C ASP A 104 -13.76 17.77 -7.35
N VAL A 105 -15.04 17.72 -7.69
CA VAL A 105 -15.54 18.02 -9.03
C VAL A 105 -16.83 18.88 -8.74
N VAL A 106 -16.73 20.18 -8.92
CA VAL A 106 -17.75 21.09 -8.38
C VAL A 106 -17.66 22.40 -9.08
N GLY A 107 -18.83 22.97 -9.34
CA GLY A 107 -19.00 24.27 -9.97
C GLY A 107 -19.69 25.23 -9.04
N THR A 108 -19.41 26.53 -9.26
CA THR A 108 -20.17 27.60 -8.64
C THR A 108 -21.65 27.46 -9.03
N GLY A 109 -21.89 26.84 -10.19
CA GLY A 109 -23.15 26.98 -10.93
C GLY A 109 -23.33 28.44 -11.33
N GLY A 110 -24.58 28.84 -11.54
CA GLY A 110 -24.94 30.24 -11.76
C GLY A 110 -24.76 30.60 -13.21
N ASP A 111 -24.77 29.58 -14.06
CA ASP A 111 -24.40 29.72 -15.48
C ASP A 111 -25.63 29.87 -16.38
N GLY A 112 -26.83 29.82 -15.77
CA GLY A 112 -28.12 29.81 -16.45
C GLY A 112 -28.21 29.01 -17.74
N VAL A 113 -27.78 27.74 -17.73
CA VAL A 113 -27.95 26.88 -18.92
C VAL A 113 -28.83 25.65 -18.58
N ASN A 114 -29.07 25.42 -17.28
CA ASN A 114 -29.88 24.26 -16.83
C ASN A 114 -29.47 22.92 -17.50
N THR A 115 -28.24 22.53 -17.19
CA THR A 115 -27.63 21.37 -17.81
C THR A 115 -27.89 20.12 -16.95
N VAL A 116 -27.18 19.03 -17.27
CA VAL A 116 -27.67 17.69 -16.99
C VAL A 116 -27.00 17.11 -15.76
N ASN A 117 -26.46 17.98 -14.91
CA ASN A 117 -25.63 17.55 -13.79
C ASN A 117 -24.35 16.86 -14.25
N LEU A 118 -23.50 17.61 -14.96
CA LEU A 118 -22.30 17.05 -15.51
C LEU A 118 -21.34 16.69 -14.42
N SER A 119 -21.35 17.47 -13.33
CA SER A 119 -20.33 17.37 -12.32
C SER A 119 -20.53 16.14 -11.52
N THR A 120 -21.80 15.82 -11.29
CA THR A 120 -22.07 14.74 -10.37
C THR A 120 -21.83 13.43 -11.13
N ALA A 122 -19.59 13.08 -13.79
CA ALA A 122 -18.16 13.07 -13.70
C ALA A 122 -17.66 12.59 -12.38
N ALA A 123 -18.29 13.01 -11.26
CA ALA A 123 -17.70 12.64 -9.98
C ALA A 123 -17.78 11.17 -9.73
N ILE A 124 -18.94 10.56 -10.01
CA ILE A 124 -19.13 9.10 -9.94
C ILE A 124 -18.12 8.32 -10.83
N VAL A 125 -17.97 8.78 -12.08
CA VAL A 125 -17.02 8.26 -13.08
C VAL A 125 -15.56 8.37 -12.61
N VAL A 126 -15.16 9.53 -12.09
CA VAL A 126 -13.85 9.71 -11.43
C VAL A 126 -13.56 8.72 -10.30
N ALA A 127 -14.57 8.54 -9.47
CA ALA A 127 -14.44 7.70 -8.28
C ALA A 127 -14.37 6.25 -8.69
N ALA A 128 -15.20 5.89 -9.71
CA ALA A 128 -15.24 4.56 -10.35
C ALA A 128 -13.91 4.21 -11.07
N ALA A 129 -13.22 5.21 -11.60
CA ALA A 129 -11.83 5.05 -12.09
C ALA A 129 -10.80 4.84 -10.98
N GLY A 130 -11.20 4.95 -9.72
CA GLY A 130 -10.23 4.72 -8.64
C GLY A 130 -9.61 5.93 -7.92
N VAL A 131 -10.05 7.12 -8.22
CA VAL A 131 -9.52 8.35 -7.61
C VAL A 131 -10.53 8.73 -6.49
N PRO A 132 -10.06 8.93 -5.24
CA PRO A 132 -11.00 9.33 -4.19
C PRO A 132 -11.65 10.65 -4.49
N VAL A 133 -12.98 10.70 -4.40
CA VAL A 133 -13.75 11.90 -4.69
C VAL A 133 -14.47 12.32 -3.42
N VAL A 134 -14.22 13.54 -2.96
CA VAL A 134 -14.99 14.11 -1.85
C VAL A 134 -15.54 15.44 -2.30
N LYS A 135 -16.84 15.47 -2.53
CA LYS A 135 -17.58 16.62 -3.08
C LYS A 135 -18.40 17.33 -2.01
N HIS A 136 -18.64 18.66 -2.12
CA HIS A 136 -19.75 19.17 -1.28
C HIS A 136 -20.71 19.82 -2.20
N GLY A 137 -21.85 20.28 -1.71
CA GLY A 137 -22.78 20.88 -2.62
C GLY A 137 -23.98 21.10 -1.80
N ASN A 138 -25.07 21.50 -2.48
CA ASN A 138 -26.47 21.53 -1.97
C ASN A 138 -27.54 21.34 -3.09
N ARG A 139 -28.80 21.53 -2.75
CA ARG A 139 -29.89 21.63 -3.73
C ARG A 139 -29.67 22.74 -4.83
N ALA A 140 -30.54 22.82 -5.84
CA ALA A 140 -30.32 23.81 -6.94
C ALA A 140 -30.46 25.25 -6.41
N ALA A 141 -29.65 26.18 -6.93
CA ALA A 141 -29.85 27.60 -6.65
C ALA A 141 -30.89 28.25 -7.61
N SER A 142 -30.75 27.98 -8.91
CA SER A 142 -31.67 28.51 -9.92
C SER A 142 -31.96 27.47 -11.06
N SER A 143 -31.18 26.38 -11.05
CA SER A 143 -31.25 25.27 -12.01
C SER A 143 -32.51 24.47 -11.63
N LEU A 144 -32.98 23.62 -12.55
CA LEU A 144 -34.14 22.76 -12.28
C LEU A 144 -33.78 21.70 -11.22
N SER A 145 -32.49 21.32 -11.16
CA SER A 145 -32.05 20.25 -10.26
C SER A 145 -30.56 20.34 -10.00
N GLY A 146 -30.21 20.49 -8.72
CA GLY A 146 -28.84 20.68 -8.28
C GLY A 146 -28.27 19.28 -8.17
N GLY A 147 -26.96 19.19 -8.02
CA GLY A 147 -26.31 17.91 -7.85
C GLY A 147 -26.90 17.12 -6.69
N ALA A 148 -27.23 17.79 -5.58
CA ALA A 148 -27.78 17.16 -4.37
C ALA A 148 -29.19 16.60 -4.55
N ASP A 149 -30.09 17.41 -5.12
CA ASP A 149 -31.41 16.95 -5.54
C ASP A 149 -31.29 15.69 -6.39
N THR A 150 -30.48 15.77 -7.45
CA THR A 150 -30.19 14.62 -8.34
C THR A 150 -29.61 13.40 -7.59
N LEU A 151 -28.62 13.58 -6.74
CA LEU A 151 -28.15 12.42 -5.95
C LEU A 151 -29.33 11.73 -5.19
N GLU A 152 -30.07 12.54 -4.43
CA GLU A 152 -31.26 12.14 -3.67
C GLU A 152 -32.28 11.34 -4.49
N ALA A 153 -32.67 11.85 -5.66
CA ALA A 153 -33.46 11.11 -6.67
C ALA A 153 -32.84 9.74 -7.08
N LEU A 154 -31.52 9.61 -7.06
CA LEU A 154 -30.89 8.33 -7.37
C LEU A 154 -30.87 7.42 -6.16
N GLY A 155 -31.31 7.85 -4.99
CA GLY A 155 -31.24 6.99 -3.82
C GLY A 155 -30.07 7.20 -2.90
N VAL A 156 -29.31 8.26 -3.19
CA VAL A 156 -28.10 8.55 -2.46
C VAL A 156 -28.35 9.41 -1.25
N ARG A 157 -27.77 9.01 -0.13
CA ARG A 157 -28.02 9.65 1.16
C ARG A 157 -27.24 10.97 1.16
N ILE A 158 -27.91 12.12 1.11
CA ILE A 158 -27.14 13.37 0.98
C ILE A 158 -26.69 13.94 2.32
N ASP A 159 -27.41 13.60 3.37
CA ASP A 159 -27.26 14.20 4.63
C ASP A 159 -26.44 13.41 5.63
N LEU A 160 -25.30 12.87 5.28
CA LEU A 160 -24.46 12.26 6.31
C LEU A 160 -23.59 13.28 7.07
N GLY A 161 -23.14 12.88 8.28
CA GLY A 161 -22.26 13.72 9.03
C GLY A 161 -20.81 13.34 8.77
N PRO A 162 -19.88 14.18 9.27
CA PRO A 162 -18.46 14.03 9.04
C PRO A 162 -17.92 12.60 9.17
N ASP A 163 -18.46 11.83 10.13
CA ASP A 163 -18.09 10.40 10.29
C ASP A 163 -18.50 9.45 9.21
N LEU A 164 -19.75 9.55 8.82
CA LEU A 164 -20.30 8.71 7.75
C LEU A 164 -19.82 9.17 6.34
N VAL A 165 -19.50 10.46 6.15
CA VAL A 165 -18.89 10.89 4.88
C VAL A 165 -17.55 10.21 4.76
N ALA A 166 -16.80 10.19 5.86
CA ALA A 166 -15.48 9.52 5.91
C ALA A 166 -15.54 7.99 5.68
N ARG A 167 -16.53 7.32 6.26
CA ARG A 167 -16.78 5.91 5.89
C ARG A 167 -17.24 5.72 4.48
N SER A 168 -18.15 6.57 3.98
CA SER A 168 -18.54 6.57 2.53
C SER A 168 -17.29 6.61 1.62
N LEU A 169 -16.46 7.60 1.85
CA LEU A 169 -15.21 7.73 1.15
C LEU A 169 -14.43 6.41 1.19
N ALA A 170 -14.15 5.91 2.41
CA ALA A 170 -13.35 4.73 2.60
C ALA A 170 -13.96 3.52 1.99
N GLU A 171 -15.27 3.34 2.11
CA GLU A 171 -15.90 2.09 1.61
C GLU A 171 -16.56 2.18 0.26
N VAL A 172 -16.93 3.38 -0.18
CA VAL A 172 -17.49 3.47 -1.51
C VAL A 172 -16.44 4.10 -2.51
N GLY A 173 -15.48 4.90 -2.04
CA GLY A 173 -14.66 5.75 -2.94
C GLY A 173 -15.01 7.22 -3.18
N ILE A 174 -16.14 7.65 -2.62
CA ILE A 174 -16.76 8.97 -2.82
C ILE A 174 -17.57 9.26 -1.54
N GLY A 175 -17.57 10.54 -1.13
CA GLY A 175 -18.41 11.06 -0.09
C GLY A 175 -18.95 12.40 -0.55
N PHE A 176 -20.11 12.77 -0.04
CA PHE A 176 -20.77 13.99 -0.41
C PHE A 176 -21.01 14.80 0.84
N CYS A 177 -20.42 15.99 0.94
CA CYS A 177 -20.63 16.85 2.09
C CYS A 177 -21.74 17.74 1.76
N PHE A 178 -22.87 17.55 2.39
CA PHE A 178 -24.03 18.39 2.18
C PHE A 178 -23.80 19.73 2.84
N ALA A 179 -23.86 20.82 2.06
CA ALA A 179 -23.50 22.17 2.55
C ALA A 179 -24.13 22.66 3.86
N PRO A 180 -25.49 22.60 4.03
CA PRO A 180 -26.25 22.91 5.28
C PRO A 180 -25.83 22.10 6.48
N ARG A 181 -25.28 20.92 6.21
CA ARG A 181 -24.80 20.05 7.24
C ARG A 181 -23.36 20.44 7.64
N PHE A 182 -22.59 21.10 6.77
CA PHE A 182 -21.13 21.26 7.10
C PHE A 182 -20.72 22.71 7.39
N HIS A 183 -21.56 23.62 6.90
CA HIS A 183 -21.36 25.03 7.05
C HIS A 183 -22.47 25.63 7.91
N PRO A 184 -22.09 26.20 9.09
CA PRO A 184 -23.13 26.81 9.91
C PRO A 184 -23.74 28.05 9.22
N SER A 185 -24.99 28.32 9.52
CA SER A 185 -25.58 29.51 9.01
C SER A 185 -25.13 30.63 9.97
N TYR A 186 -25.63 31.84 9.74
CA TYR A 186 -25.20 32.98 10.56
C TYR A 186 -26.45 33.68 10.99
N ARG A 187 -26.30 34.44 12.05
CA ARG A 187 -27.42 35.24 12.52
C ARG A 187 -28.03 36.18 11.45
N HIS A 188 -29.35 36.19 11.35
CA HIS A 188 -30.08 37.01 10.35
C HIS A 188 -30.08 36.46 8.92
N ALA A 189 -29.55 35.25 8.70
CA ALA A 189 -29.33 34.76 7.34
C ALA A 189 -30.61 34.58 6.55
N ALA A 190 -31.68 34.12 7.24
CA ALA A 190 -32.99 33.82 6.61
C ALA A 190 -33.75 35.13 6.23
N ALA A 191 -33.76 36.10 7.13
CA ALA A 191 -34.29 37.43 6.91
C ALA A 191 -33.58 38.12 5.74
N VAL A 192 -32.25 38.17 5.79
CA VAL A 192 -31.44 38.74 4.70
C VAL A 192 -31.69 38.08 3.33
N ARG A 193 -31.54 36.76 3.25
CA ARG A 193 -31.76 36.02 2.01
C ARG A 193 -33.18 36.28 1.42
N ARG A 194 -34.18 36.16 2.29
CA ARG A 194 -35.53 36.54 1.97
C ARG A 194 -35.56 37.96 1.41
N GLU A 195 -35.11 38.93 2.22
CA GLU A 195 -35.29 40.31 1.88
C GLU A 195 -34.59 40.76 0.58
N ILE A 196 -33.41 40.24 0.32
CA ILE A 196 -32.54 40.69 -0.77
C ILE A 196 -32.91 39.88 -2.01
N GLY A 197 -33.08 38.57 -1.84
CA GLY A 197 -33.72 37.73 -2.86
C GLY A 197 -32.81 37.33 -3.99
N VAL A 198 -31.51 37.60 -3.86
CA VAL A 198 -30.59 37.37 -4.98
C VAL A 198 -29.41 36.66 -4.39
N PRO A 199 -28.73 35.86 -5.23
CA PRO A 199 -27.48 35.31 -4.70
C PRO A 199 -26.40 36.39 -4.63
N THR A 200 -25.43 36.22 -3.74
CA THR A 200 -24.37 37.15 -3.60
C THR A 200 -23.09 36.34 -3.63
N VAL A 201 -21.98 37.03 -3.60
CA VAL A 201 -20.65 36.44 -3.58
C VAL A 201 -20.48 35.40 -2.48
N PHE A 202 -21.22 35.54 -1.38
CA PHE A 202 -21.29 34.53 -0.31
C PHE A 202 -21.65 33.12 -0.80
N ASN A 203 -22.46 33.06 -1.86
CA ASN A 203 -22.95 31.84 -2.50
C ASN A 203 -22.07 31.32 -3.62
N LEU A 204 -20.99 32.01 -3.90
CA LEU A 204 -20.17 31.60 -5.06
C LEU A 204 -18.85 30.97 -4.66
N LEU A 205 -18.65 30.84 -3.34
CA LEU A 205 -17.33 30.43 -2.78
C LEU A 205 -17.17 28.98 -2.44
N GLY A 206 -18.19 28.16 -2.73
CA GLY A 206 -18.18 26.74 -2.43
C GLY A 206 -16.94 25.98 -2.82
N PRO A 207 -16.45 26.15 -4.08
CA PRO A 207 -15.22 25.44 -4.50
C PRO A 207 -14.10 25.68 -3.57
N LEU A 208 -14.16 26.83 -2.89
CA LEU A 208 -13.04 27.20 -2.02
C LEU A 208 -13.29 26.79 -0.56
N THR A 209 -14.41 26.13 -0.28
CA THR A 209 -14.76 25.91 1.12
C THR A 209 -15.16 24.50 1.42
N ASN A 210 -14.67 23.54 0.63
CA ASN A 210 -14.94 22.16 0.80
C ASN A 210 -14.34 21.80 2.14
N PRO A 211 -15.18 21.23 3.08
CA PRO A 211 -14.82 20.85 4.48
C PRO A 211 -13.69 19.79 4.59
N ALA A 212 -13.64 18.88 3.60
CA ALA A 212 -12.58 17.87 3.51
C ALA A 212 -11.28 18.41 2.95
N ARG A 213 -11.31 19.64 2.43
CA ARG A 213 -10.06 20.27 1.86
C ARG A 213 -9.25 19.40 0.89
N PRO A 214 -9.89 18.77 -0.12
CA PRO A 214 -9.05 18.00 -1.04
C PRO A 214 -8.06 18.98 -1.73
N ARG A 215 -6.86 18.48 -2.09
CA ARG A 215 -5.82 19.31 -2.70
C ARG A 215 -5.91 19.34 -4.22
N ALA A 216 -6.80 18.52 -4.78
CA ALA A 216 -6.98 18.39 -6.23
C ALA A 216 -8.46 18.60 -6.49
N GLY A 217 -8.80 19.04 -7.69
CA GLY A 217 -10.18 19.41 -8.10
C GLY A 217 -10.28 19.79 -9.57
N LEU A 218 -11.44 19.53 -10.15
CA LEU A 218 -11.87 20.15 -11.44
C LEU A 218 -12.94 21.15 -10.96
N ILE A 219 -12.66 22.44 -11.10
CA ILE A 219 -13.52 23.47 -10.56
C ILE A 219 -14.13 24.25 -11.77
N GLY A 220 -15.41 24.08 -12.03
CA GLY A 220 -16.08 24.88 -13.05
C GLY A 220 -16.62 26.22 -12.56
N CYS A 221 -16.34 27.28 -13.31
CA CYS A 221 -16.80 28.61 -12.90
C CYS A 221 -17.61 29.33 -14.03
N ALA A 222 -18.81 29.79 -13.68
CA ALA A 222 -19.65 30.51 -14.62
C ALA A 222 -19.13 31.94 -14.92
N PHE A 223 -18.25 32.49 -14.07
CA PHE A 223 -17.79 33.87 -14.18
C PHE A 223 -16.31 33.83 -14.31
N ALA A 224 -15.87 34.21 -15.49
CA ALA A 224 -14.44 34.25 -15.82
C ALA A 224 -13.58 35.03 -14.86
N ASP A 225 -14.09 36.16 -14.37
CA ASP A 225 -13.26 37.01 -13.51
C ASP A 225 -13.13 36.42 -12.11
N LEU A 226 -14.24 35.89 -11.62
CA LEU A 226 -14.14 35.10 -10.39
C LEU A 226 -13.21 33.82 -10.49
N ALA A 227 -13.20 33.18 -11.65
CA ALA A 227 -12.45 31.92 -11.84
C ALA A 227 -10.97 32.18 -11.78
N GLU A 228 -10.53 33.22 -12.47
CA GLU A 228 -9.14 33.54 -12.44
C GLU A 228 -8.67 33.86 -11.04
N VAL A 229 -9.45 34.68 -10.34
CA VAL A 229 -9.20 35.01 -8.97
C VAL A 229 -9.11 33.70 -8.08
N ALA A 231 -8.53 30.67 -9.07
CA ALA A 231 -7.26 30.00 -9.44
C ALA A 231 -6.05 30.51 -8.64
N GLY A 232 -6.00 31.83 -8.37
CA GLY A 232 -4.90 32.35 -7.52
C GLY A 232 -4.99 31.93 -6.04
N VAL A 233 -6.21 31.84 -5.51
CA VAL A 233 -6.37 31.40 -4.12
C VAL A 233 -5.90 29.93 -4.03
N PHE A 234 -6.36 29.07 -4.97
CA PHE A 234 -5.87 27.67 -5.04
C PHE A 234 -4.36 27.54 -5.17
N ALA A 235 -3.79 28.31 -6.14
CA ALA A 235 -2.35 28.35 -6.37
C ALA A 235 -1.58 28.50 -5.04
N ALA A 236 -2.01 29.46 -4.20
CA ALA A 236 -1.37 29.67 -2.87
C ALA A 236 -1.63 28.58 -1.85
N ARG A 237 -2.70 27.80 -2.03
CA ARG A 237 -3.00 26.67 -1.16
C ARG A 237 -2.11 25.48 -1.51
N ARG A 238 -1.33 25.62 -2.59
CA ARG A 238 -0.61 24.53 -3.21
C ARG A 238 -1.48 23.41 -3.74
N SER A 239 -2.67 23.75 -4.24
CA SER A 239 -3.60 22.74 -4.66
C SER A 239 -3.27 22.36 -6.10
N SER A 240 -3.75 21.21 -6.55
CA SER A 240 -3.60 20.92 -7.96
C SER A 240 -5.02 20.94 -8.61
N VAL A 241 -5.33 22.03 -9.30
CA VAL A 241 -6.67 22.26 -9.77
C VAL A 241 -6.64 22.70 -11.20
N LEU A 242 -7.62 22.24 -11.96
CA LEU A 242 -8.02 22.91 -13.21
C LEU A 242 -9.27 23.71 -12.95
N VAL A 243 -9.14 25.02 -12.99
CA VAL A 243 -10.30 25.89 -12.94
C VAL A 243 -10.77 26.11 -14.39
N VAL A 244 -12.05 25.91 -14.65
CA VAL A 244 -12.51 25.85 -16.02
C VAL A 244 -13.76 26.69 -16.27
N HIS A 245 -13.76 27.34 -17.42
CA HIS A 245 -14.89 28.10 -17.89
C HIS A 245 -15.09 27.82 -19.40
N GLY A 246 -16.24 27.21 -19.74
CA GLY A 246 -16.66 27.12 -21.17
C GLY A 246 -16.74 28.51 -21.78
N ASP A 247 -16.18 28.64 -22.99
CA ASP A 247 -16.16 29.91 -23.73
C ASP A 247 -17.50 30.13 -24.36
N ASP A 248 -18.39 29.16 -24.13
CA ASP A 248 -19.82 29.32 -24.33
C ASP A 248 -20.53 29.74 -23.02
N GLY A 249 -19.78 29.99 -21.94
CA GLY A 249 -20.37 30.34 -20.64
C GLY A 249 -20.70 29.21 -19.67
N LEU A 250 -20.59 27.95 -20.10
CA LEU A 250 -20.60 26.81 -19.18
C LEU A 250 -19.67 26.88 -17.98
N ASP A 251 -20.18 26.48 -16.81
CA ASP A 251 -19.36 26.22 -15.64
C ASP A 251 -18.81 24.79 -15.62
N GLU A 252 -18.36 24.34 -16.78
CA GLU A 252 -17.75 23.01 -16.98
C GLU A 252 -16.85 23.12 -18.19
N LEU A 253 -16.03 22.09 -18.45
CA LEU A 253 -15.42 21.91 -19.76
C LEU A 253 -16.54 21.56 -20.71
N THR A 254 -16.59 22.30 -21.82
CA THR A 254 -17.66 22.18 -22.82
C THR A 254 -17.13 21.47 -24.10
N THR A 255 -18.08 20.78 -24.75
CA THR A 255 -18.00 20.12 -26.03
C THR A 255 -18.61 20.94 -27.24
N THR A 256 -19.18 22.08 -26.88
CA THR A 256 -19.79 23.06 -27.75
C THR A 256 -18.80 23.97 -28.48
N THR A 257 -17.72 24.30 -27.80
CA THR A 257 -16.69 25.23 -28.28
C THR A 257 -15.45 24.94 -27.40
N THR A 258 -14.41 25.75 -27.56
CA THR A 258 -13.27 25.83 -26.64
C THR A 258 -13.66 26.22 -25.19
N SER A 259 -12.71 26.03 -24.22
CA SER A 259 -12.84 26.51 -22.84
C SER A 259 -11.48 27.10 -22.42
N THR A 260 -11.54 27.94 -21.40
CA THR A 260 -10.40 28.54 -20.76
C THR A 260 -10.15 27.68 -19.53
N ILE A 261 -8.90 27.32 -19.31
CA ILE A 261 -8.49 26.55 -18.14
C ILE A 261 -7.43 27.35 -17.51
N TRP A 262 -7.53 27.55 -16.17
CA TRP A 262 -6.46 28.11 -15.35
C TRP A 262 -5.95 26.88 -14.66
N ARG A 263 -4.85 26.35 -15.20
CA ARG A 263 -4.21 25.19 -14.68
C ARG A 263 -3.24 25.60 -13.53
N VAL A 264 -3.61 25.17 -12.31
CA VAL A 264 -2.93 25.57 -11.05
C VAL A 264 -2.12 24.37 -10.61
N ALA A 265 -0.84 24.58 -10.38
CA ALA A 265 0.02 23.52 -9.94
C ALA A 265 1.31 24.17 -9.50
N ALA A 266 1.89 23.64 -8.43
CA ALA A 266 3.18 24.04 -7.88
C ALA A 266 3.21 25.52 -7.60
N GLY A 267 2.03 26.07 -7.32
CA GLY A 267 1.87 27.37 -6.74
C GLY A 267 1.72 28.36 -7.83
N SER A 268 1.56 27.93 -9.07
CA SER A 268 1.40 28.96 -10.12
C SER A 268 0.20 28.69 -11.00
N VAL A 269 -0.17 29.67 -11.83
CA VAL A 269 -1.36 29.60 -12.61
C VAL A 269 -0.95 29.65 -14.09
N ASP A 270 -1.47 28.75 -14.93
CA ASP A 270 -1.12 28.64 -16.35
C ASP A 270 -2.47 28.71 -17.03
N LYS A 271 -2.80 29.86 -17.62
CA LYS A 271 -4.05 30.05 -18.20
C LYS A 271 -3.91 29.79 -19.66
N LEU A 272 -4.80 28.98 -20.23
CA LEU A 272 -4.67 28.49 -21.57
C LEU A 272 -6.08 28.30 -22.16
N THR A 273 -6.17 28.36 -23.50
CA THR A 273 -7.38 27.89 -24.20
C THR A 273 -7.32 26.38 -24.56
N PHE A 274 -8.43 25.70 -24.40
CA PHE A 274 -8.48 24.27 -24.52
C PHE A 274 -9.51 23.96 -25.56
N ASP A 275 -9.16 23.08 -26.50
CA ASP A 275 -10.12 22.59 -27.50
C ASP A 275 -10.12 21.07 -27.42
N PRO A 276 -11.27 20.51 -27.01
CA PRO A 276 -11.45 19.08 -26.92
C PRO A 276 -11.37 18.36 -28.32
N ALA A 277 -11.57 19.12 -29.40
CA ALA A 277 -11.27 18.66 -30.74
C ALA A 277 -9.84 18.11 -30.88
N GLY A 278 -8.83 18.67 -30.18
CA GLY A 278 -7.45 18.12 -30.12
C GLY A 278 -7.34 16.63 -29.68
N PHE A 279 -8.47 16.07 -29.19
CA PHE A 279 -8.54 14.70 -28.65
C PHE A 279 -9.63 13.96 -29.38
N GLY A 280 -10.15 14.53 -30.46
CA GLY A 280 -11.16 13.87 -31.29
C GLY A 280 -12.63 14.03 -30.97
N PHE A 281 -12.97 14.98 -30.10
CA PHE A 281 -14.36 15.18 -29.74
C PHE A 281 -15.09 16.03 -30.75
N ALA A 282 -16.17 15.48 -31.30
CA ALA A 282 -17.17 16.16 -32.06
C ALA A 282 -17.82 17.36 -31.32
N ARG A 283 -17.93 18.50 -32.00
CA ARG A 283 -18.70 19.67 -31.56
C ARG A 283 -20.15 19.33 -31.26
N ALA A 284 -20.60 19.64 -30.05
CA ALA A 284 -22.00 19.45 -29.72
C ALA A 284 -22.65 20.84 -29.73
N GLN A 285 -23.94 20.88 -29.43
CA GLN A 285 -24.73 22.12 -29.28
C GLN A 285 -25.13 22.13 -27.84
N LEU A 286 -25.23 23.32 -27.23
CA LEU A 286 -25.82 23.47 -25.91
C LEU A 286 -27.13 22.77 -25.70
N ASP A 287 -27.95 22.69 -26.73
CA ASP A 287 -29.27 22.08 -26.57
C ASP A 287 -29.16 20.65 -26.11
N GLN A 288 -28.20 19.96 -26.69
CA GLN A 288 -27.97 18.54 -26.44
C GLN A 288 -27.50 18.19 -25.00
N LEU A 289 -26.98 19.19 -24.30
CA LEU A 289 -26.40 19.06 -22.94
C LEU A 289 -27.32 19.54 -21.84
N ALA A 290 -28.62 19.69 -22.15
CA ALA A 290 -29.58 20.30 -21.24
C ALA A 290 -30.24 19.30 -20.27
N GLY A 291 -30.49 19.77 -19.04
CA GLY A 291 -31.13 18.93 -18.03
C GLY A 291 -32.60 19.21 -17.75
N GLY A 292 -33.16 18.44 -16.83
CA GLY A 292 -34.53 18.67 -16.37
C GLY A 292 -34.55 18.75 -14.87
N ASP A 293 -35.58 18.18 -14.28
CA ASP A 293 -35.74 18.19 -12.83
C ASP A 293 -34.99 17.02 -12.26
N ALA A 294 -35.24 16.69 -10.98
CA ALA A 294 -34.38 15.74 -10.31
C ALA A 294 -34.56 14.32 -10.86
N GLN A 295 -35.75 13.98 -11.35
CA GLN A 295 -35.99 12.62 -11.93
C GLN A 295 -35.37 12.50 -13.32
N ALA A 296 -35.48 13.61 -14.06
CA ALA A 296 -35.04 13.65 -15.43
C ALA A 296 -33.52 13.53 -15.44
N ASN A 297 -32.89 14.19 -14.48
CA ASN A 297 -31.45 14.16 -14.27
C ASN A 297 -30.97 12.82 -13.75
N ALA A 298 -31.71 12.24 -12.76
CA ALA A 298 -31.45 10.92 -12.24
C ALA A 298 -31.51 9.86 -13.35
N ALA A 299 -32.46 10.00 -14.27
CA ALA A 299 -32.56 9.11 -15.44
C ALA A 299 -31.45 9.34 -16.50
N ALA A 300 -31.11 10.60 -16.80
CA ALA A 300 -29.92 10.92 -17.63
C ALA A 300 -28.61 10.24 -17.12
N VAL A 301 -28.46 10.17 -15.79
CA VAL A 301 -27.34 9.47 -15.17
C VAL A 301 -27.28 7.98 -15.40
N ARG A 302 -28.39 7.30 -15.16
CA ARG A 302 -28.58 5.87 -15.45
C ARG A 302 -28.32 5.54 -16.89
N ALA A 303 -28.78 6.39 -17.79
CA ALA A 303 -28.55 6.19 -19.20
C ALA A 303 -27.04 6.20 -19.54
N VAL A 304 -26.35 7.26 -19.10
CA VAL A 304 -24.95 7.46 -19.38
C VAL A 304 -24.09 6.34 -18.75
N LEU A 305 -24.33 6.08 -17.47
CA LEU A 305 -23.65 5.00 -16.74
C LEU A 305 -23.92 3.56 -17.27
N GLY A 306 -25.06 3.40 -17.96
CA GLY A 306 -25.46 2.14 -18.50
C GLY A 306 -24.89 1.96 -19.91
N GLY A 307 -24.22 2.95 -20.46
CA GLY A 307 -23.59 2.85 -21.77
C GLY A 307 -24.09 3.79 -22.85
N ALA A 308 -25.16 4.56 -22.61
CA ALA A 308 -25.68 5.45 -23.66
C ALA A 308 -24.62 6.41 -24.16
N ARG A 309 -24.41 6.37 -25.48
CA ARG A 309 -23.42 7.19 -26.16
C ARG A 309 -24.06 8.47 -26.68
N GLY A 310 -23.26 9.49 -26.94
CA GLY A 310 -23.86 10.76 -27.31
C GLY A 310 -23.17 11.99 -26.73
N PRO A 311 -23.68 13.17 -27.10
CA PRO A 311 -23.14 14.41 -26.55
C PRO A 311 -23.01 14.47 -24.99
N VAL A 312 -23.97 13.94 -24.24
CA VAL A 312 -23.87 14.01 -22.79
C VAL A 312 -22.75 13.12 -22.20
N ARG A 313 -22.59 11.94 -22.77
CA ARG A 313 -21.65 10.96 -22.27
C ARG A 313 -20.29 11.58 -22.50
N ASP A 314 -20.10 12.15 -23.71
CA ASP A 314 -18.87 12.87 -24.08
C ASP A 314 -18.47 14.01 -23.16
N ALA A 315 -19.43 14.87 -22.79
CA ALA A 315 -19.18 16.00 -21.88
C ALA A 315 -18.79 15.42 -20.51
N VAL A 316 -19.40 14.32 -20.14
CA VAL A 316 -19.09 13.66 -18.83
C VAL A 316 -17.66 13.11 -18.85
N VAL A 317 -17.33 12.36 -19.91
CA VAL A 317 -15.98 11.84 -20.11
C VAL A 317 -14.93 12.92 -20.00
N LEU A 318 -15.23 14.04 -20.65
CA LEU A 318 -14.28 15.12 -20.81
C LEU A 318 -13.95 15.76 -19.47
N ASN A 319 -14.97 15.98 -18.65
CA ASN A 319 -14.83 16.61 -17.34
C ASN A 319 -14.30 15.62 -16.32
N ALA A 320 -14.73 14.36 -16.42
CA ALA A 320 -14.08 13.31 -15.59
C ALA A 320 -12.57 13.26 -15.87
N ALA A 321 -12.19 13.25 -17.14
CA ALA A 321 -10.76 13.16 -17.54
C ALA A 321 -9.94 14.38 -17.05
N GLY A 322 -10.56 15.54 -17.13
CA GLY A 322 -10.09 16.82 -16.50
C GLY A 322 -9.75 16.71 -15.01
N ALA A 323 -10.63 16.10 -14.25
CA ALA A 323 -10.44 15.84 -12.81
C ALA A 323 -9.31 14.85 -12.55
N ILE A 324 -9.23 13.81 -13.36
CA ILE A 324 -8.10 12.86 -13.31
C ILE A 324 -6.75 13.55 -13.62
N VAL A 325 -6.78 14.50 -14.55
CA VAL A 325 -5.60 15.37 -14.91
C VAL A 325 -5.23 16.23 -13.72
N ALA A 326 -6.21 16.85 -13.06
CA ALA A 326 -5.92 17.61 -11.81
C ALA A 326 -5.26 16.69 -10.80
N HIS A 327 -5.81 15.47 -10.64
CA HIS A 327 -5.20 14.41 -9.80
C HIS A 327 -3.77 14.04 -10.18
N ALA A 328 -3.49 13.93 -11.48
CA ALA A 328 -2.12 13.57 -11.96
C ALA A 328 -1.13 14.69 -11.57
N GLY A 329 -1.63 15.92 -11.63
CA GLY A 329 -0.93 17.12 -11.22
C GLY A 329 -0.41 17.17 -9.79
N LEU A 330 -0.81 16.24 -8.94
CA LEU A 330 -0.22 16.12 -7.58
C LEU A 330 1.22 15.56 -7.58
N SER A 331 1.62 14.93 -8.68
CA SER A 331 3.03 14.65 -8.96
C SER A 331 3.60 15.74 -9.84
N SER A 332 4.75 16.25 -9.44
CA SER A 332 5.42 17.29 -10.15
C SER A 332 5.86 16.85 -11.57
N ARG A 333 5.89 15.55 -11.83
CA ARG A 333 6.44 15.15 -13.08
C ARG A 333 5.34 14.85 -14.10
N ALA A 334 4.09 15.19 -13.77
CA ALA A 334 3.02 15.17 -14.77
C ALA A 334 3.26 16.01 -16.07
N GLU A 335 2.92 15.37 -17.20
CA GLU A 335 2.91 15.93 -18.53
C GLU A 335 1.47 15.93 -18.98
N TRP A 336 1.07 17.00 -19.67
CA TRP A 336 -0.30 17.38 -19.96
C TRP A 336 -1.07 16.46 -20.91
N LEU A 337 -0.59 16.34 -22.16
CA LEU A 337 -1.31 15.52 -23.16
C LEU A 337 -1.30 14.08 -22.78
N PRO A 338 -0.18 13.54 -22.29
CA PRO A 338 -0.27 12.20 -21.64
C PRO A 338 -1.20 12.06 -20.44
N ALA A 339 -1.32 13.06 -19.54
CA ALA A 339 -2.30 13.01 -18.43
C ALA A 339 -3.70 12.91 -18.96
N TRP A 340 -3.98 13.73 -19.98
CA TRP A 340 -5.25 13.79 -20.66
C TRP A 340 -5.62 12.54 -21.35
N GLU A 341 -4.73 12.00 -22.19
CA GLU A 341 -4.99 10.70 -22.86
C GLU A 341 -5.34 9.62 -21.83
N GLU A 342 -4.54 9.52 -20.76
CA GLU A 342 -4.77 8.60 -19.65
C GLU A 342 -6.08 8.88 -18.86
N GLY A 343 -6.39 10.16 -18.59
CA GLY A 343 -7.67 10.55 -18.12
C GLY A 343 -8.88 10.21 -19.00
N LEU A 344 -8.74 10.32 -20.30
CA LEU A 344 -9.91 10.05 -21.16
C LEU A 344 -10.21 8.56 -21.22
N ARG A 345 -9.13 7.81 -21.30
CA ARG A 345 -9.08 6.35 -21.29
C ARG A 345 -9.67 5.76 -19.95
N ARG A 346 -9.27 6.36 -18.84
CA ARG A 346 -9.76 5.90 -17.52
C ARG A 346 -11.21 6.27 -17.25
N ALA A 347 -11.64 7.42 -17.68
CA ALA A 347 -13.02 7.85 -17.59
C ALA A 347 -13.92 7.01 -18.51
N SER A 348 -13.59 6.87 -19.81
CA SER A 348 -14.32 5.94 -20.66
C SER A 348 -14.34 4.54 -20.16
N ALA A 349 -13.18 3.96 -19.82
CA ALA A 349 -13.15 2.62 -19.20
C ALA A 349 -14.12 2.45 -18.02
N ALA A 350 -14.23 3.46 -17.12
CA ALA A 350 -15.06 3.36 -15.89
C ALA A 350 -16.55 3.21 -16.23
N ILE A 351 -16.96 3.86 -17.32
CA ILE A 351 -18.32 3.72 -17.81
C ILE A 351 -18.45 2.30 -18.47
N ASP A 352 -17.61 2.05 -19.47
CA ASP A 352 -17.73 0.87 -20.33
C ASP A 352 -17.53 -0.50 -19.63
N THR A 353 -16.64 -0.59 -18.65
CA THR A 353 -16.53 -1.81 -17.84
C THR A 353 -17.69 -2.02 -16.84
N GLY A 354 -18.69 -1.12 -16.80
CA GLY A 354 -19.67 -1.08 -15.70
C GLY A 354 -19.22 -0.59 -14.30
N ALA A 355 -18.00 -0.10 -14.13
CA ALA A 355 -17.49 0.33 -12.83
C ALA A 355 -18.28 1.49 -12.17
N ALA A 356 -18.66 2.50 -12.97
CA ALA A 356 -19.43 3.64 -12.53
C ALA A 356 -20.86 3.26 -12.06
N GLU A 357 -21.57 2.50 -12.92
CA GLU A 357 -22.85 1.93 -12.57
C GLU A 357 -22.73 1.05 -11.31
N GLN A 358 -21.73 0.18 -11.24
CA GLN A 358 -21.59 -0.64 -10.02
C GLN A 358 -21.34 0.18 -8.75
N LEU A 359 -20.61 1.30 -8.91
CA LEU A 359 -20.30 2.23 -7.80
C LEU A 359 -21.53 3.00 -7.30
N LEU A 360 -22.32 3.50 -8.23
CA LEU A 360 -23.55 4.15 -7.86
C LEU A 360 -24.39 3.17 -7.01
N ALA A 361 -24.49 1.92 -7.46
CA ALA A 361 -25.34 0.93 -6.79
C ALA A 361 -24.77 0.69 -5.40
N ARG A 362 -23.46 0.64 -5.30
CA ARG A 362 -22.81 0.43 -3.98
C ARG A 362 -23.00 1.59 -2.95
N TRP A 363 -22.99 2.79 -3.49
CA TRP A 363 -23.25 4.05 -2.80
C TRP A 363 -24.65 4.11 -2.23
N VAL A 364 -25.66 3.81 -3.08
CA VAL A 364 -27.06 3.55 -2.62
C VAL A 364 -27.19 2.47 -1.51
N ARG A 365 -26.57 1.29 -1.68
CA ARG A 365 -26.58 0.30 -0.61
C ARG A 365 -25.99 0.82 0.69
N PHE A 366 -24.87 1.55 0.60
CA PHE A 366 -24.11 2.06 1.80
C PHE A 366 -24.96 2.88 2.77
N GLY A 367 -25.72 3.81 2.19
CA GLY A 367 -26.47 4.79 2.92
C GLY A 367 -27.66 4.16 3.61
N ARG A 368 -28.15 3.09 2.96
CA ARG A 368 -29.34 2.36 3.37
C ARG A 368 -29.06 1.45 4.56
N GLN A 369 -27.83 0.96 4.63
CA GLN A 369 -27.41 0.14 5.75
C GLN A 369 -26.69 1.02 6.76
N ILE A 370 -27.00 2.31 6.68
CA ILE A 370 -26.60 3.37 7.64
C ILE A 370 -25.09 3.75 7.51
N PRO B 25 -1.65 -39.30 -13.99
CA PRO B 25 -0.78 -38.21 -13.44
C PRO B 25 -0.56 -37.22 -14.55
N SER B 26 -1.37 -36.18 -14.57
CA SER B 26 -1.19 -35.09 -15.54
C SER B 26 -1.57 -33.74 -14.99
N TRP B 27 -1.26 -32.71 -15.78
CA TRP B 27 -1.51 -31.32 -15.45
C TRP B 27 -2.98 -30.95 -15.26
N PRO B 28 -3.88 -31.25 -16.24
CA PRO B 28 -5.28 -31.00 -16.00
C PRO B 28 -5.89 -31.84 -14.88
N GLN B 29 -5.35 -33.03 -14.62
CA GLN B 29 -5.81 -33.79 -13.47
C GLN B 29 -5.39 -33.05 -12.19
N ILE B 30 -4.10 -32.66 -12.12
CA ILE B 30 -3.50 -31.92 -10.98
C ILE B 30 -4.15 -30.58 -10.71
N LEU B 31 -4.25 -29.74 -11.75
CA LEU B 31 -4.80 -28.41 -11.59
C LEU B 31 -6.33 -28.38 -11.44
N GLY B 32 -7.06 -29.29 -12.09
CA GLY B 32 -8.49 -29.37 -11.79
C GLY B 32 -8.77 -29.72 -10.33
N ARG B 33 -8.02 -30.68 -9.81
CA ARG B 33 -8.08 -31.02 -8.40
C ARG B 33 -7.75 -29.85 -7.43
N LEU B 34 -6.79 -29.01 -7.80
CA LEU B 34 -6.51 -27.82 -6.98
C LEU B 34 -7.56 -26.77 -7.12
N THR B 35 -8.06 -26.57 -8.35
CA THR B 35 -9.17 -25.65 -8.53
C THR B 35 -10.41 -26.17 -7.86
N ASP B 36 -10.42 -27.46 -7.49
CA ASP B 36 -11.57 -28.06 -6.73
C ASP B 36 -11.40 -27.89 -5.22
N ASN B 37 -10.32 -27.24 -4.83
CA ASN B 37 -9.99 -26.99 -3.45
C ASN B 37 -9.69 -28.29 -2.71
N ARG B 38 -9.10 -29.24 -3.40
CA ARG B 38 -8.78 -30.50 -2.81
C ARG B 38 -7.30 -30.64 -2.63
N ASP B 39 -6.90 -31.50 -1.68
CA ASP B 39 -5.53 -31.87 -1.54
C ASP B 39 -5.21 -32.73 -2.71
N LEU B 40 -3.92 -32.83 -3.03
CA LEU B 40 -3.48 -33.71 -4.10
C LEU B 40 -3.43 -35.19 -3.69
N ALA B 41 -3.57 -36.09 -4.68
CA ALA B 41 -3.37 -37.51 -4.41
C ALA B 41 -1.88 -37.77 -4.43
N ARG B 42 -1.46 -38.77 -3.64
CA ARG B 42 -0.08 -39.23 -3.58
C ARG B 42 0.54 -39.40 -4.96
N GLY B 43 1.81 -38.99 -5.10
CA GLY B 43 2.53 -38.99 -6.38
C GLY B 43 2.28 -37.73 -7.23
N GLN B 44 1.16 -37.08 -7.02
CA GLN B 44 0.85 -35.97 -7.90
C GLN B 44 1.87 -34.82 -7.82
N ALA B 45 2.21 -34.39 -6.58
CA ALA B 45 3.17 -33.28 -6.33
C ALA B 45 4.53 -33.65 -6.87
N ALA B 46 4.93 -34.89 -6.64
CA ALA B 46 6.24 -35.37 -7.15
C ALA B 46 6.33 -35.33 -8.66
N TRP B 47 5.27 -35.72 -9.36
CA TRP B 47 5.27 -35.76 -10.82
C TRP B 47 5.32 -34.33 -11.40
N ALA B 48 4.53 -33.40 -10.81
CA ALA B 48 4.50 -32.03 -11.20
C ALA B 48 5.85 -31.41 -10.98
N ASP B 50 8.67 -33.01 -10.75
CA ASP B 50 9.66 -33.61 -11.65
C ASP B 50 9.53 -33.13 -13.11
N GLN B 51 8.30 -32.94 -13.57
CA GLN B 51 8.03 -32.32 -14.90
C GLN B 51 8.71 -30.98 -15.04
N ILE B 52 8.50 -30.08 -14.07
CA ILE B 52 9.18 -28.80 -13.96
C ILE B 52 10.69 -28.94 -13.93
N THR B 54 12.73 -31.23 -14.83
CA THR B 54 13.34 -31.78 -16.06
C THR B 54 13.25 -30.88 -17.34
N GLY B 55 12.94 -29.57 -17.13
CA GLY B 55 12.55 -28.64 -18.23
C GLY B 55 11.32 -29.06 -19.05
N ASN B 56 10.50 -29.96 -18.52
CA ASN B 56 9.42 -30.46 -19.31
C ASN B 56 8.04 -29.74 -19.15
N ALA B 57 7.99 -28.59 -18.47
CA ALA B 57 6.70 -27.96 -18.19
C ALA B 57 6.63 -26.55 -18.75
N ARG B 58 5.46 -26.12 -19.20
CA ARG B 58 5.35 -24.78 -19.84
C ARG B 58 5.18 -23.79 -18.75
N PRO B 59 5.61 -22.52 -18.99
CA PRO B 59 5.42 -21.40 -18.06
C PRO B 59 4.04 -21.27 -17.36
N ALA B 60 2.93 -21.46 -18.09
CA ALA B 60 1.57 -21.41 -17.50
C ALA B 60 1.38 -22.47 -16.41
N GLN B 61 1.89 -23.68 -16.67
CA GLN B 61 1.82 -24.85 -15.82
C GLN B 61 2.53 -24.62 -14.51
N ILE B 62 3.79 -24.19 -14.62
CA ILE B 62 4.62 -23.84 -13.51
C ILE B 62 4.02 -22.75 -12.70
N ALA B 63 3.57 -21.69 -13.36
CA ALA B 63 2.96 -20.56 -12.65
C ALA B 63 1.64 -20.94 -11.99
N ALA B 64 0.74 -21.55 -12.74
CA ALA B 64 -0.55 -22.07 -12.17
C ALA B 64 -0.30 -22.97 -10.93
N PHE B 65 0.64 -23.92 -11.04
CA PHE B 65 0.88 -24.92 -10.00
C PHE B 65 1.59 -24.29 -8.84
N ALA B 66 2.56 -23.43 -9.10
CA ALA B 66 3.31 -22.77 -8.03
C ALA B 66 2.40 -21.83 -7.21
N VAL B 67 1.46 -21.17 -7.92
CA VAL B 67 0.50 -20.22 -7.30
C VAL B 67 -0.54 -20.92 -6.45
N ALA B 68 -1.11 -22.01 -6.99
CA ALA B 68 -2.16 -22.77 -6.33
C ALA B 68 -1.67 -23.48 -5.05
N THR B 70 0.95 -22.49 -3.27
CA THR B 70 1.10 -21.43 -2.30
C THR B 70 -0.19 -20.95 -1.66
N LYS B 72 -3.36 -23.02 -1.51
CA LYS B 72 -3.80 -24.12 -0.67
C LYS B 72 -2.90 -24.28 0.59
N ALA B 73 -3.51 -24.58 1.73
CA ALA B 73 -2.77 -24.87 2.97
C ALA B 73 -1.79 -26.04 2.73
N PRO B 74 -0.53 -25.92 3.22
CA PRO B 74 0.48 -27.03 3.05
C PRO B 74 0.05 -28.33 3.70
N THR B 75 0.45 -29.44 3.06
CA THR B 75 0.49 -30.75 3.73
C THR B 75 1.90 -31.35 3.76
N ALA B 76 2.20 -32.09 4.82
CA ALA B 76 3.46 -32.82 4.97
C ALA B 76 3.77 -33.71 3.76
N ASP B 77 2.82 -34.53 3.33
CA ASP B 77 3.04 -35.42 2.15
C ASP B 77 3.33 -34.69 0.90
N GLU B 78 2.59 -33.60 0.62
CA GLU B 78 2.81 -32.81 -0.61
C GLU B 78 4.13 -32.10 -0.61
N VAL B 79 4.40 -31.38 0.49
CA VAL B 79 5.73 -30.76 0.70
C VAL B 79 6.93 -31.74 0.65
N GLY B 80 6.76 -32.91 1.27
CA GLY B 80 7.83 -33.95 1.22
C GLY B 80 8.06 -34.46 -0.19
N GLU B 81 7.00 -34.55 -0.98
CA GLU B 81 7.12 -34.84 -2.44
C GLU B 81 7.84 -33.79 -3.20
N LEU B 82 7.39 -32.53 -3.08
CA LEU B 82 8.09 -31.36 -3.71
C LEU B 82 9.52 -31.34 -3.35
N ALA B 83 9.82 -31.38 -2.04
CA ALA B 83 11.22 -31.33 -1.52
C ALA B 83 12.09 -32.53 -1.95
N GLY B 84 11.51 -33.72 -1.88
CA GLY B 84 12.28 -34.92 -2.23
C GLY B 84 12.65 -34.96 -3.71
N VAL B 85 11.70 -34.58 -4.58
CA VAL B 85 12.03 -34.32 -6.01
C VAL B 85 13.16 -33.26 -6.25
N LEU B 87 15.43 -32.34 -4.09
CA LEU B 87 16.59 -32.95 -3.54
C LEU B 87 17.20 -33.99 -4.41
N SER B 88 16.40 -34.85 -5.07
CA SER B 88 16.97 -35.82 -6.01
C SER B 88 17.62 -35.23 -7.28
N HIS B 89 17.25 -34.01 -7.66
CA HIS B 89 17.87 -33.28 -8.82
C HIS B 89 19.17 -32.51 -8.48
N ALA B 90 19.54 -32.49 -7.20
CA ALA B 90 20.61 -31.65 -6.70
C ALA B 90 21.89 -32.40 -6.82
N HIS B 91 23.01 -31.69 -6.92
CA HIS B 91 24.31 -32.36 -6.82
C HIS B 91 24.51 -32.81 -5.38
N PRO B 92 24.90 -34.08 -5.17
CA PRO B 92 25.31 -34.49 -3.83
C PRO B 92 26.72 -34.00 -3.51
N LEU B 93 27.12 -34.11 -2.25
CA LEU B 93 28.53 -34.06 -1.87
C LEU B 93 29.15 -35.44 -2.16
N PRO B 94 30.49 -35.53 -2.31
CA PRO B 94 31.15 -36.85 -2.52
C PRO B 94 30.86 -37.82 -1.37
N ALA B 95 30.67 -39.09 -1.69
CA ALA B 95 30.45 -40.13 -0.68
C ALA B 95 31.37 -40.01 0.53
N ASP B 96 30.79 -40.23 1.71
CA ASP B 96 31.54 -40.27 2.96
C ASP B 96 32.19 -38.97 3.37
N THR B 97 31.55 -37.84 3.11
CA THR B 97 32.23 -36.54 3.21
C THR B 97 31.52 -35.53 4.15
N VAL B 98 30.24 -35.78 4.42
CA VAL B 98 29.47 -35.02 5.37
C VAL B 98 29.54 -35.84 6.69
N PRO B 99 30.07 -35.26 7.81
CA PRO B 99 29.88 -36.07 9.02
C PRO B 99 28.41 -36.46 9.30
N ASP B 100 28.22 -37.59 9.98
CA ASP B 100 26.92 -38.04 10.40
C ASP B 100 26.19 -37.03 11.26
N ASP B 101 26.96 -36.24 12.02
CA ASP B 101 26.41 -35.38 13.04
C ASP B 101 26.37 -33.88 12.56
N ALA B 102 26.46 -33.67 11.25
CA ALA B 102 26.40 -32.34 10.64
C ALA B 102 25.05 -31.69 10.90
N VAL B 103 25.07 -30.38 11.10
CA VAL B 103 23.85 -29.56 11.32
C VAL B 103 23.63 -28.46 10.26
N ASP B 104 22.36 -28.08 10.08
CA ASP B 104 22.05 -26.90 9.34
C ASP B 104 21.52 -25.87 10.33
N VAL B 105 21.74 -24.57 9.99
CA VAL B 105 21.22 -23.41 10.71
C VAL B 105 20.69 -22.38 9.72
N VAL B 106 19.37 -22.26 9.61
CA VAL B 106 18.72 -21.65 8.44
C VAL B 106 17.19 -21.53 8.51
N GLY B 107 16.65 -20.41 8.02
CA GLY B 107 15.21 -20.29 7.81
C GLY B 107 14.66 -19.91 6.46
N THR B 108 13.35 -20.00 6.33
CA THR B 108 12.65 -19.61 5.11
C THR B 108 12.92 -18.13 4.80
N GLY B 109 13.24 -17.36 5.86
CA GLY B 109 13.14 -15.93 5.87
C GLY B 109 11.69 -15.58 5.65
N GLY B 110 11.45 -14.36 5.14
CA GLY B 110 10.13 -13.87 4.83
C GLY B 110 9.34 -13.56 6.09
N ASP B 111 10.04 -13.16 7.15
CA ASP B 111 9.41 -12.54 8.33
C ASP B 111 9.34 -10.98 8.22
N GLY B 112 9.80 -10.46 7.07
CA GLY B 112 9.90 -9.02 6.77
C GLY B 112 10.24 -8.12 7.96
N VAL B 113 11.27 -8.48 8.73
CA VAL B 113 11.72 -7.64 9.89
C VAL B 113 12.95 -6.80 9.47
N ASN B 114 13.77 -7.39 8.59
CA ASN B 114 15.14 -6.94 8.36
C ASN B 114 15.87 -7.00 9.70
N THR B 115 16.41 -8.17 10.05
CA THR B 115 17.32 -8.28 11.21
C THR B 115 18.77 -8.53 10.76
N VAL B 116 19.73 -8.43 11.68
CA VAL B 116 21.09 -8.92 11.45
C VAL B 116 20.95 -10.37 11.03
N ASN B 117 21.95 -10.94 10.33
CA ASN B 117 21.84 -12.37 10.01
C ASN B 117 22.25 -13.11 11.27
N LEU B 118 21.21 -13.33 12.07
CA LEU B 118 21.29 -14.18 13.23
C LEU B 118 21.76 -15.62 12.89
N SER B 119 21.23 -16.23 11.81
CA SER B 119 21.55 -17.60 11.42
C SER B 119 23.02 -17.80 11.08
N THR B 120 23.59 -16.76 10.43
CA THR B 120 24.92 -16.82 9.81
C THR B 120 25.93 -16.81 10.91
N ALA B 122 25.17 -17.44 14.07
CA ALA B 122 24.93 -18.67 14.85
C ALA B 122 25.63 -19.90 14.24
N ALA B 123 25.64 -19.95 12.91
CA ALA B 123 26.28 -21.02 12.18
C ALA B 123 27.81 -21.09 12.49
N ILE B 124 28.49 -19.94 12.41
CA ILE B 124 29.92 -19.80 12.67
C ILE B 124 30.21 -20.22 14.12
N VAL B 125 29.36 -19.78 15.07
CA VAL B 125 29.50 -20.16 16.46
C VAL B 125 29.26 -21.67 16.66
N VAL B 126 28.22 -22.24 16.08
CA VAL B 126 28.08 -23.66 16.19
C VAL B 126 29.36 -24.41 15.68
N ALA B 127 29.84 -24.07 14.48
CA ALA B 127 31.02 -24.67 13.86
C ALA B 127 32.20 -24.61 14.83
N ALA B 128 32.45 -23.43 15.39
CA ALA B 128 33.53 -23.13 16.30
C ALA B 128 33.37 -23.84 17.67
N ALA B 129 32.13 -24.20 18.06
CA ALA B 129 31.85 -25.13 19.19
C ALA B 129 32.25 -26.56 18.81
N GLY B 130 32.59 -26.78 17.55
CA GLY B 130 33.04 -28.08 17.15
C GLY B 130 31.95 -28.95 16.58
N VAL B 131 30.81 -28.35 16.22
CA VAL B 131 29.74 -29.09 15.56
C VAL B 131 29.83 -28.82 14.05
N PRO B 132 29.99 -29.86 13.18
CA PRO B 132 30.08 -29.49 11.76
C PRO B 132 28.77 -28.86 11.27
N VAL B 133 28.89 -27.80 10.49
CA VAL B 133 27.78 -27.02 9.94
C VAL B 133 27.98 -27.03 8.43
N VAL B 134 26.91 -27.38 7.73
CA VAL B 134 26.85 -27.20 6.31
C VAL B 134 25.52 -26.51 5.96
N LYS B 135 25.61 -25.24 5.52
CA LYS B 135 24.41 -24.50 5.10
C LYS B 135 24.28 -24.52 3.62
N HIS B 136 23.12 -24.07 3.16
CA HIS B 136 22.96 -23.86 1.72
C HIS B 136 22.09 -22.64 1.44
N GLY B 137 22.27 -22.06 0.26
CA GLY B 137 21.63 -20.81 -0.05
C GLY B 137 21.99 -20.20 -1.38
N ASN B 138 21.68 -18.90 -1.49
CA ASN B 138 21.67 -18.13 -2.74
C ASN B 138 21.87 -16.66 -2.42
N ARG B 139 22.45 -15.92 -3.39
CA ARG B 139 22.75 -14.47 -3.25
C ARG B 139 21.58 -13.51 -2.94
N GLY B 147 22.17 -13.08 3.15
CA GLY B 147 22.65 -14.31 3.80
C GLY B 147 23.96 -14.87 3.24
N ALA B 148 23.93 -15.33 1.97
CA ALA B 148 25.10 -15.61 1.14
C ALA B 148 25.88 -14.31 0.81
N ASP B 149 25.14 -13.23 0.57
CA ASP B 149 25.71 -11.91 0.42
C ASP B 149 26.49 -11.45 1.60
N THR B 150 25.96 -11.67 2.80
CA THR B 150 26.64 -11.32 4.02
C THR B 150 27.93 -12.16 4.21
N LEU B 151 27.86 -13.42 3.78
CA LEU B 151 29.07 -14.25 3.76
C LEU B 151 30.06 -13.71 2.73
N GLU B 152 29.63 -13.43 1.47
CA GLU B 152 30.52 -12.68 0.57
C GLU B 152 31.04 -11.40 1.16
N ALA B 153 30.21 -10.65 1.86
CA ALA B 153 30.63 -9.38 2.41
C ALA B 153 31.63 -9.57 3.56
N LEU B 154 31.66 -10.77 4.16
CA LEU B 154 32.72 -11.16 5.10
C LEU B 154 33.99 -11.71 4.41
N GLY B 155 33.89 -11.92 3.09
CA GLY B 155 35.02 -12.39 2.30
C GLY B 155 34.98 -13.89 2.20
N VAL B 156 33.90 -14.50 2.67
CA VAL B 156 33.70 -15.93 2.50
C VAL B 156 33.42 -16.25 1.02
N ARG B 157 33.99 -17.33 0.51
CA ARG B 157 33.90 -17.64 -0.89
C ARG B 157 32.77 -18.67 -1.04
N ILE B 158 31.62 -18.15 -1.48
CA ILE B 158 30.36 -18.91 -1.46
C ILE B 158 30.16 -19.90 -2.63
N ASP B 159 30.76 -19.64 -3.78
CA ASP B 159 30.50 -20.41 -4.97
C ASP B 159 31.56 -21.45 -5.16
N LEU B 160 31.41 -22.59 -4.49
CA LEU B 160 32.29 -23.75 -4.64
C LEU B 160 31.48 -24.96 -5.09
N GLY B 161 32.10 -25.81 -5.89
CA GLY B 161 31.50 -27.04 -6.27
C GLY B 161 31.55 -28.01 -5.11
N PRO B 162 30.81 -29.15 -5.24
CA PRO B 162 30.66 -30.23 -4.25
C PRO B 162 31.94 -30.68 -3.56
N ASP B 163 32.96 -31.06 -4.33
CA ASP B 163 34.27 -31.53 -3.79
C ASP B 163 34.99 -30.51 -2.90
N LEU B 164 34.88 -29.22 -3.20
CA LEU B 164 35.48 -28.16 -2.37
C LEU B 164 34.67 -27.76 -1.18
N VAL B 165 33.35 -27.84 -1.24
CA VAL B 165 32.48 -27.70 -0.05
C VAL B 165 32.83 -28.80 1.02
N ALA B 166 33.00 -30.04 0.52
CA ALA B 166 33.37 -31.23 1.31
C ALA B 166 34.75 -31.01 1.90
N ARG B 167 35.62 -30.36 1.14
CA ARG B 167 36.95 -30.03 1.66
C ARG B 167 36.97 -28.94 2.76
N SER B 168 36.16 -27.94 2.54
CA SER B 168 35.90 -26.96 3.52
C SER B 168 35.33 -27.52 4.83
N LEU B 169 34.41 -28.48 4.73
CA LEU B 169 33.84 -29.13 5.92
C LEU B 169 34.88 -29.91 6.70
N ALA B 170 35.67 -30.72 5.97
CA ALA B 170 36.77 -31.48 6.59
C ALA B 170 37.77 -30.51 7.24
N GLU B 171 38.14 -29.45 6.54
CA GLU B 171 39.23 -28.61 6.97
C GLU B 171 38.87 -27.42 7.86
N VAL B 172 37.68 -26.88 7.73
CA VAL B 172 37.34 -25.70 8.52
C VAL B 172 36.24 -26.10 9.55
N GLY B 173 35.45 -27.12 9.22
CA GLY B 173 34.39 -27.57 10.09
C GLY B 173 33.05 -26.90 9.72
N ILE B 174 33.09 -26.13 8.64
CA ILE B 174 31.93 -25.52 8.04
C ILE B 174 32.08 -25.45 6.49
N GLY B 175 30.97 -25.57 5.78
CA GLY B 175 30.94 -25.37 4.35
C GLY B 175 29.56 -24.84 3.97
N PHE B 176 29.39 -24.45 2.71
CA PHE B 176 28.20 -23.70 2.25
C PHE B 176 27.93 -24.07 0.82
N CYS B 177 26.70 -24.55 0.59
CA CYS B 177 26.29 -25.15 -0.66
C CYS B 177 25.56 -24.07 -1.43
N PHE B 178 26.23 -23.57 -2.47
CA PHE B 178 25.72 -22.42 -3.25
C PHE B 178 24.67 -22.90 -4.29
N ALA B 179 23.43 -22.44 -4.12
CA ALA B 179 22.25 -22.97 -4.82
C ALA B 179 22.42 -23.19 -6.30
N PRO B 180 22.83 -22.16 -7.08
CA PRO B 180 23.10 -22.34 -8.51
C PRO B 180 24.08 -23.46 -8.83
N ARG B 181 25.02 -23.68 -7.93
CA ARG B 181 26.01 -24.71 -8.12
C ARG B 181 25.44 -26.12 -7.83
N PHE B 182 24.42 -26.22 -6.99
CA PHE B 182 23.97 -27.55 -6.51
C PHE B 182 22.65 -27.99 -7.10
N HIS B 183 21.80 -27.02 -7.37
CA HIS B 183 20.49 -27.22 -7.93
C HIS B 183 20.43 -26.49 -9.25
N PRO B 184 21.12 -26.99 -10.28
CA PRO B 184 20.96 -26.29 -11.56
C PRO B 184 19.51 -26.36 -12.14
N SER B 185 18.88 -27.54 -12.04
CA SER B 185 17.53 -27.81 -12.59
C SER B 185 16.38 -26.85 -12.17
N TYR B 186 16.72 -25.81 -11.41
CA TYR B 186 15.80 -24.66 -11.20
C TYR B 186 15.60 -23.82 -12.49
N ARG B 187 14.34 -23.80 -12.94
CA ARG B 187 13.86 -23.11 -14.15
C ARG B 187 14.41 -23.68 -15.47
N ARG B 194 8.58 -16.75 -12.89
CA ARG B 194 8.92 -15.56 -12.09
C ARG B 194 8.77 -14.22 -12.90
N GLU B 195 7.88 -14.24 -13.91
CA GLU B 195 7.04 -13.09 -14.37
C GLU B 195 5.84 -13.02 -13.45
N ILE B 196 5.90 -13.83 -12.40
CA ILE B 196 4.94 -13.84 -11.32
C ILE B 196 5.28 -12.68 -10.40
N GLY B 197 6.59 -12.43 -10.26
CA GLY B 197 7.12 -11.38 -9.38
C GLY B 197 6.76 -11.52 -7.90
N VAL B 198 6.31 -12.71 -7.50
CA VAL B 198 5.92 -12.91 -6.11
C VAL B 198 6.54 -14.21 -5.61
N PRO B 199 6.98 -14.26 -4.35
CA PRO B 199 7.46 -15.59 -4.00
C PRO B 199 6.30 -16.60 -3.85
N THR B 200 6.62 -17.88 -4.05
CA THR B 200 5.67 -18.97 -3.93
C THR B 200 6.27 -20.01 -3.00
N VAL B 201 5.54 -21.10 -2.76
CA VAL B 201 6.02 -22.19 -1.93
C VAL B 201 7.36 -22.80 -2.39
N PHE B 202 7.71 -22.69 -3.66
CA PHE B 202 9.01 -23.22 -4.11
C PHE B 202 10.14 -22.60 -3.28
N ASN B 203 9.94 -21.34 -2.92
CA ASN B 203 11.02 -20.56 -2.29
C ASN B 203 11.12 -20.77 -0.77
N LEU B 204 10.17 -21.51 -0.19
CA LEU B 204 10.21 -21.73 1.24
C LEU B 204 10.64 -23.14 1.61
N LEU B 205 11.22 -23.87 0.67
CA LEU B 205 11.57 -25.28 0.86
C LEU B 205 13.08 -25.51 1.03
N GLY B 206 13.86 -24.44 0.98
CA GLY B 206 15.33 -24.46 1.24
C GLY B 206 15.83 -25.35 2.39
N PRO B 207 15.17 -25.27 3.56
CA PRO B 207 15.44 -26.12 4.69
C PRO B 207 15.34 -27.62 4.44
N LEU B 208 14.41 -28.02 3.54
CA LEU B 208 14.20 -29.41 3.15
C LEU B 208 15.04 -29.87 1.96
N THR B 209 15.85 -29.01 1.42
CA THR B 209 16.58 -29.36 0.23
C THR B 209 18.10 -29.09 0.34
N ASN B 210 18.62 -29.06 1.58
CA ASN B 210 20.07 -28.97 1.70
C ASN B 210 20.67 -30.24 1.02
N PRO B 211 21.51 -30.04 -0.04
CA PRO B 211 22.23 -31.17 -0.77
C PRO B 211 23.14 -32.06 0.07
N ALA B 212 23.73 -31.51 1.14
CA ALA B 212 24.53 -32.25 2.08
C ALA B 212 23.64 -33.11 2.97
N ARG B 213 22.33 -32.92 2.86
CA ARG B 213 21.42 -33.64 3.70
C ARG B 213 21.72 -33.79 5.20
N PRO B 214 22.11 -32.70 5.93
CA PRO B 214 22.45 -32.98 7.36
C PRO B 214 21.23 -33.52 8.13
N ARG B 215 21.44 -34.35 9.16
CA ARG B 215 20.27 -34.89 9.82
C ARG B 215 19.85 -34.12 11.07
N ALA B 216 20.61 -33.08 11.42
CA ALA B 216 20.18 -32.19 12.45
C ALA B 216 20.08 -30.77 11.92
N GLY B 217 19.31 -29.98 12.65
CA GLY B 217 19.19 -28.58 12.38
C GLY B 217 18.40 -27.69 13.26
N LEU B 218 18.61 -26.38 13.15
CA LEU B 218 17.68 -25.40 13.69
C LEU B 218 17.07 -24.56 12.58
N ILE B 219 15.77 -24.77 12.33
CA ILE B 219 15.10 -24.17 11.20
C ILE B 219 14.12 -23.09 11.64
N GLY B 220 14.44 -21.84 11.33
CA GLY B 220 13.51 -20.73 11.54
C GLY B 220 12.47 -20.69 10.45
N CYS B 221 11.18 -20.70 10.84
CA CYS B 221 10.08 -20.52 9.88
C CYS B 221 9.27 -19.22 10.19
N ALA B 222 9.03 -18.39 9.17
CA ALA B 222 8.24 -17.14 9.39
C ALA B 222 6.74 -17.39 9.51
N PHE B 223 6.24 -18.51 8.97
CA PHE B 223 4.82 -18.90 8.99
C PHE B 223 4.61 -20.16 9.80
N ALA B 224 3.74 -20.12 10.84
CA ALA B 224 3.48 -21.26 11.73
C ALA B 224 2.80 -22.51 11.18
N ASP B 225 1.96 -22.29 10.17
CA ASP B 225 1.35 -23.37 9.42
C ASP B 225 2.31 -24.13 8.57
N LEU B 226 3.20 -23.43 7.89
CA LEU B 226 4.23 -24.20 7.14
C LEU B 226 5.25 -24.81 8.12
N ALA B 227 5.47 -24.16 9.28
CA ALA B 227 6.45 -24.61 10.27
C ALA B 227 6.15 -26.03 10.75
N GLU B 228 4.88 -26.26 11.02
CA GLU B 228 4.43 -27.50 11.52
C GLU B 228 4.47 -28.58 10.44
N VAL B 229 4.07 -28.23 9.24
CA VAL B 229 4.23 -29.13 8.09
C VAL B 229 5.71 -29.59 7.85
N ALA B 231 8.10 -29.57 10.19
CA ALA B 231 8.44 -30.41 11.25
C ALA B 231 8.01 -31.85 10.95
N GLY B 232 6.78 -32.05 10.44
CA GLY B 232 6.29 -33.37 9.90
C GLY B 232 7.22 -33.96 8.85
N VAL B 233 7.70 -33.12 7.92
CA VAL B 233 8.61 -33.66 6.87
C VAL B 233 9.90 -34.12 7.57
N PHE B 234 10.47 -33.34 8.48
CA PHE B 234 11.71 -33.76 9.16
C PHE B 234 11.52 -34.97 10.09
N ALA B 235 10.33 -35.09 10.70
CA ALA B 235 10.01 -36.27 11.50
C ALA B 235 10.00 -37.52 10.62
N ALA B 236 9.29 -37.46 9.48
CA ALA B 236 9.31 -38.55 8.49
C ALA B 236 10.74 -38.91 8.06
N ARG B 237 11.65 -37.94 7.98
CA ARG B 237 13.08 -38.24 7.64
C ARG B 237 13.85 -38.74 8.84
N ARG B 238 13.19 -38.79 10.01
CA ARG B 238 13.89 -39.09 11.28
C ARG B 238 15.07 -38.12 11.59
N SER B 239 14.93 -36.87 11.19
CA SER B 239 15.94 -35.85 11.52
C SER B 239 15.78 -35.41 12.95
N SER B 240 16.84 -34.83 13.51
CA SER B 240 16.76 -34.25 14.90
C SER B 240 16.80 -32.72 14.73
N VAL B 241 15.66 -32.05 14.83
CA VAL B 241 15.52 -30.71 14.32
C VAL B 241 14.62 -29.95 15.30
N LEU B 242 14.95 -28.66 15.56
CA LEU B 242 14.07 -27.68 16.16
C LEU B 242 13.66 -26.65 15.08
N VAL B 243 12.35 -26.66 14.82
CA VAL B 243 11.70 -25.74 13.91
C VAL B 243 11.17 -24.62 14.84
N VAL B 244 11.65 -23.39 14.65
CA VAL B 244 11.42 -22.28 15.63
C VAL B 244 10.69 -21.10 14.98
N HIS B 245 9.91 -20.43 15.79
CA HIS B 245 9.18 -19.26 15.32
C HIS B 245 8.94 -18.40 16.53
N GLY B 246 9.56 -17.20 16.55
CA GLY B 246 9.34 -16.16 17.58
C GLY B 246 7.87 -15.88 17.77
N ASP B 247 7.41 -15.73 19.01
CA ASP B 247 6.00 -15.36 19.21
C ASP B 247 5.83 -13.85 18.87
N ASP B 248 6.91 -13.22 18.46
CA ASP B 248 6.90 -11.89 17.84
C ASP B 248 6.93 -11.98 16.31
N GLY B 249 6.82 -13.19 15.73
CA GLY B 249 6.98 -13.40 14.26
C GLY B 249 8.36 -13.59 13.62
N LEU B 250 9.44 -13.41 14.37
CA LEU B 250 10.82 -13.80 13.90
C LEU B 250 10.93 -15.21 13.37
N ASP B 251 11.59 -15.44 12.23
CA ASP B 251 12.03 -16.79 11.84
C ASP B 251 13.36 -17.22 12.51
N GLU B 252 13.48 -16.97 13.82
CA GLU B 252 14.61 -17.42 14.69
C GLU B 252 14.08 -17.50 16.10
N LEU B 253 14.83 -18.15 17.01
CA LEU B 253 14.52 -17.91 18.44
C LEU B 253 14.73 -16.39 18.74
N THR B 254 13.70 -15.77 19.26
CA THR B 254 13.76 -14.39 19.67
C THR B 254 14.20 -14.18 21.15
N THR B 255 14.59 -12.94 21.45
CA THR B 255 14.93 -12.51 22.83
C THR B 255 13.86 -11.49 23.33
N THR B 256 12.94 -11.18 22.45
CA THR B 256 11.92 -10.13 22.64
C THR B 256 10.79 -10.70 23.53
N THR B 257 10.63 -12.05 23.47
CA THR B 257 9.49 -12.75 24.08
C THR B 257 9.71 -14.25 24.01
N THR B 258 8.62 -15.01 24.09
CA THR B 258 8.61 -16.42 23.92
C THR B 258 8.72 -16.83 22.42
N SER B 259 9.09 -18.10 22.20
CA SER B 259 9.09 -18.70 20.86
C SER B 259 8.29 -20.02 20.90
N THR B 260 7.75 -20.43 19.76
CA THR B 260 7.15 -21.78 19.59
C THR B 260 8.28 -22.65 19.04
N ILE B 261 8.50 -23.82 19.64
CA ILE B 261 9.30 -24.84 19.02
C ILE B 261 8.48 -26.10 18.61
N TRP B 262 8.57 -26.48 17.35
CA TRP B 262 8.35 -27.86 16.96
C TRP B 262 9.65 -28.68 17.12
N ARG B 263 9.65 -29.46 18.18
CA ARG B 263 10.77 -30.29 18.54
C ARG B 263 10.62 -31.63 17.80
N VAL B 264 11.61 -31.96 16.95
CA VAL B 264 11.52 -33.18 16.19
C VAL B 264 12.59 -34.12 16.73
N ALA B 265 12.20 -35.33 17.12
CA ALA B 265 13.16 -36.32 17.65
C ALA B 265 12.48 -37.69 17.63
N ALA B 266 13.21 -38.72 17.19
CA ALA B 266 12.71 -40.12 17.11
C ALA B 266 11.45 -40.30 16.29
N GLY B 267 11.36 -39.66 15.11
CA GLY B 267 10.13 -39.65 14.24
C GLY B 267 8.91 -38.81 14.69
N SER B 268 9.09 -37.94 15.69
CA SER B 268 7.97 -37.39 16.48
C SER B 268 8.10 -35.89 16.64
N VAL B 269 7.00 -35.15 16.44
CA VAL B 269 6.94 -33.71 16.62
C VAL B 269 6.31 -33.34 17.96
N ASP B 270 6.97 -32.49 18.70
CA ASP B 270 6.46 -31.92 19.95
C ASP B 270 6.38 -30.41 19.86
N LYS B 271 5.19 -29.85 20.05
CA LYS B 271 5.09 -28.44 19.94
C LYS B 271 5.16 -27.83 21.35
N LEU B 272 5.94 -26.75 21.53
CA LEU B 272 6.23 -26.21 22.84
C LEU B 272 6.56 -24.73 22.89
N THR B 273 6.51 -24.17 24.10
CA THR B 273 6.90 -22.81 24.27
C THR B 273 8.30 -22.80 24.83
N PHE B 274 9.14 -21.95 24.25
CA PHE B 274 10.45 -21.62 24.84
C PHE B 274 10.53 -20.15 25.38
N ASP B 275 11.03 -19.99 26.59
CA ASP B 275 11.18 -18.65 27.18
C ASP B 275 12.64 -18.38 27.54
N PRO B 276 13.36 -17.53 26.75
CA PRO B 276 14.80 -17.37 27.04
C PRO B 276 15.13 -16.77 28.44
N ALA B 277 14.14 -16.10 29.09
CA ALA B 277 14.31 -15.59 30.48
C ALA B 277 14.62 -16.69 31.45
N GLY B 278 14.21 -17.92 31.16
CA GLY B 278 14.58 -19.04 32.03
C GLY B 278 16.02 -19.46 31.97
N PHE B 279 16.82 -18.75 31.14
CA PHE B 279 18.26 -19.00 31.08
C PHE B 279 18.99 -17.74 31.26
N GLY B 280 18.31 -16.72 31.81
CA GLY B 280 18.90 -15.45 32.19
C GLY B 280 18.81 -14.36 31.15
N PHE B 281 18.23 -14.61 29.99
CA PHE B 281 18.26 -13.58 28.95
C PHE B 281 17.30 -12.44 29.29
N ALA B 282 17.76 -11.19 29.15
CA ALA B 282 16.90 -10.03 29.23
C ALA B 282 15.98 -9.87 27.99
N ARG B 283 14.74 -9.42 28.19
CA ARG B 283 13.89 -9.00 27.06
C ARG B 283 14.56 -7.92 26.19
N ALA B 284 14.60 -8.16 24.88
CA ALA B 284 15.11 -7.19 23.89
C ALA B 284 13.92 -6.52 23.25
N GLN B 285 14.20 -5.46 22.51
CA GLN B 285 13.21 -4.76 21.66
C GLN B 285 13.56 -5.20 20.28
N LEU B 286 12.56 -5.47 19.45
CA LEU B 286 12.83 -5.97 18.10
C LEU B 286 13.71 -5.07 17.21
N ASP B 287 13.68 -3.74 17.44
CA ASP B 287 14.53 -2.80 16.68
C ASP B 287 16.01 -2.96 17.01
N GLN B 288 16.31 -3.62 18.13
CA GLN B 288 17.69 -3.81 18.54
C GLN B 288 18.33 -4.99 17.78
N LEU B 289 17.49 -5.74 17.06
CA LEU B 289 17.95 -6.88 16.32
C LEU B 289 17.93 -6.60 14.81
N ALA B 290 17.21 -5.57 14.38
CA ALA B 290 17.10 -5.26 12.94
C ALA B 290 18.44 -5.05 12.18
N GLY B 291 18.47 -5.40 10.89
CA GLY B 291 19.71 -5.48 10.09
C GLY B 291 20.26 -4.29 9.30
N GLY B 292 20.08 -4.33 7.98
CA GLY B 292 20.73 -3.34 7.08
C GLY B 292 21.45 -4.07 5.96
N ASP B 293 22.36 -3.36 5.28
CA ASP B 293 23.05 -3.92 4.09
C ASP B 293 24.08 -5.01 4.43
N ALA B 294 24.43 -5.81 3.42
CA ALA B 294 25.44 -6.84 3.58
C ALA B 294 26.66 -6.32 4.33
N GLN B 295 27.04 -5.07 4.06
CA GLN B 295 28.20 -4.42 4.71
C GLN B 295 28.05 -4.13 6.21
N ALA B 296 26.92 -3.53 6.57
CA ALA B 296 26.51 -3.30 7.94
C ALA B 296 26.29 -4.62 8.64
N ASN B 297 25.65 -5.57 7.95
CA ASN B 297 25.55 -6.94 8.49
C ASN B 297 26.89 -7.63 8.73
N ALA B 298 27.85 -7.43 7.82
CA ALA B 298 29.17 -8.00 8.01
C ALA B 298 29.87 -7.41 9.25
N ALA B 299 29.65 -6.11 9.50
CA ALA B 299 30.22 -5.38 10.66
C ALA B 299 29.64 -5.82 12.00
N ALA B 300 28.34 -6.05 12.02
CA ALA B 300 27.68 -6.68 13.18
C ALA B 300 28.33 -8.06 13.44
N VAL B 301 28.51 -8.87 12.39
CA VAL B 301 29.18 -10.16 12.62
C VAL B 301 30.48 -10.01 13.41
N ARG B 302 31.42 -9.24 12.83
CA ARG B 302 32.73 -8.96 13.43
C ARG B 302 32.69 -8.39 14.89
N ALA B 303 31.72 -7.51 15.15
CA ALA B 303 31.42 -6.98 16.44
C ALA B 303 31.12 -8.12 17.43
N VAL B 304 30.12 -8.92 17.10
CA VAL B 304 29.70 -10.05 17.91
C VAL B 304 30.82 -11.06 18.17
N LEU B 305 31.57 -11.41 17.11
CA LEU B 305 32.61 -12.42 17.21
C LEU B 305 33.80 -11.92 18.01
N GLY B 306 34.04 -10.64 17.93
CA GLY B 306 35.04 -9.99 18.73
C GLY B 306 34.65 -9.75 20.19
N GLY B 307 33.44 -10.11 20.60
CA GLY B 307 33.15 -10.07 22.00
C GLY B 307 32.14 -9.04 22.45
N ALA B 308 31.54 -8.30 21.52
CA ALA B 308 30.55 -7.31 21.90
C ALA B 308 29.26 -7.91 22.52
N ARG B 309 28.88 -7.31 23.62
CA ARG B 309 27.79 -7.77 24.43
C ARG B 309 26.57 -7.00 24.11
N GLY B 310 25.41 -7.58 24.38
CA GLY B 310 24.20 -6.89 24.07
C GLY B 310 23.28 -7.85 23.43
N PRO B 311 22.15 -7.37 22.96
CA PRO B 311 21.01 -8.11 22.42
C PRO B 311 21.22 -9.03 21.17
N VAL B 312 22.03 -8.60 20.22
CA VAL B 312 22.41 -9.38 19.06
C VAL B 312 23.25 -10.60 19.48
N ARG B 313 24.31 -10.40 20.22
CA ARG B 313 25.04 -11.51 20.76
C ARG B 313 24.10 -12.54 21.50
N ASP B 314 23.24 -12.02 22.37
CA ASP B 314 22.27 -12.87 23.05
C ASP B 314 21.45 -13.78 22.17
N ALA B 315 21.00 -13.20 21.08
CA ALA B 315 20.12 -13.89 20.16
C ALA B 315 20.94 -14.83 19.31
N VAL B 316 22.21 -14.48 19.08
CA VAL B 316 23.12 -15.35 18.37
C VAL B 316 23.50 -16.53 19.27
N VAL B 317 23.91 -16.26 20.51
CA VAL B 317 24.17 -17.38 21.48
C VAL B 317 22.96 -18.33 21.60
N LEU B 318 21.74 -17.78 21.71
CA LEU B 318 20.51 -18.59 21.87
C LEU B 318 20.17 -19.48 20.67
N ASN B 319 20.32 -18.95 19.46
CA ASN B 319 20.09 -19.79 18.29
C ASN B 319 21.17 -20.80 18.12
N ALA B 320 22.43 -20.44 18.46
CA ALA B 320 23.55 -21.40 18.31
C ALA B 320 23.35 -22.56 19.29
N ALA B 321 22.87 -22.24 20.48
CA ALA B 321 22.52 -23.26 21.49
C ALA B 321 21.37 -24.17 21.01
N GLY B 322 20.39 -23.59 20.34
CA GLY B 322 19.39 -24.37 19.64
C GLY B 322 19.86 -25.39 18.62
N ALA B 323 20.77 -25.01 17.71
CA ALA B 323 21.41 -25.97 16.79
C ALA B 323 22.22 -27.06 17.54
N ILE B 324 22.86 -26.70 18.63
CA ILE B 324 23.60 -27.63 19.47
C ILE B 324 22.66 -28.59 20.23
N VAL B 325 21.54 -28.08 20.73
CA VAL B 325 20.48 -28.97 21.24
C VAL B 325 19.93 -29.94 20.18
N ALA B 326 19.67 -29.42 18.97
CA ALA B 326 19.33 -30.34 17.83
C ALA B 326 20.40 -31.40 17.57
N HIS B 327 21.66 -30.98 17.59
CA HIS B 327 22.80 -31.91 17.42
C HIS B 327 22.77 -33.03 18.50
N ALA B 328 22.75 -32.67 19.78
CA ALA B 328 22.69 -33.62 20.89
C ALA B 328 21.52 -34.61 20.73
N GLY B 329 20.37 -34.14 20.30
CA GLY B 329 19.24 -35.02 20.08
C GLY B 329 19.47 -36.08 19.02
N LEU B 330 20.62 -36.10 18.37
CA LEU B 330 20.89 -37.14 17.39
C LEU B 330 21.19 -38.43 18.18
N SER B 331 21.43 -38.25 19.49
CA SER B 331 21.72 -39.35 20.42
C SER B 331 20.62 -39.54 21.46
N SER B 332 19.76 -40.53 21.20
CA SER B 332 18.62 -40.94 22.08
C SER B 332 18.13 -39.96 23.17
N ARG B 333 17.78 -38.74 22.74
CA ARG B 333 16.95 -37.85 23.57
C ARG B 333 17.60 -37.49 24.93
N ALA B 334 18.42 -36.42 24.95
CA ALA B 334 18.96 -35.96 26.26
C ALA B 334 17.85 -35.16 26.95
N GLU B 335 17.99 -34.95 28.27
CA GLU B 335 17.11 -34.06 29.00
C GLU B 335 17.23 -32.65 28.37
N TRP B 336 16.07 -32.03 28.17
CA TRP B 336 15.87 -30.76 27.53
C TRP B 336 16.61 -29.56 28.06
N LEU B 337 16.36 -29.26 29.33
CA LEU B 337 16.97 -28.12 29.99
C LEU B 337 18.50 -28.31 30.19
N PRO B 338 18.95 -29.51 30.62
CA PRO B 338 20.41 -29.71 30.64
C PRO B 338 21.05 -29.54 29.27
N ALA B 339 20.41 -30.02 28.20
CA ALA B 339 20.91 -29.86 26.85
C ALA B 339 20.99 -28.38 26.40
N TRP B 340 20.01 -27.59 26.78
CA TRP B 340 19.98 -26.14 26.67
C TRP B 340 21.08 -25.46 27.44
N GLU B 341 21.23 -25.80 28.72
CA GLU B 341 22.37 -25.31 29.52
C GLU B 341 23.75 -25.53 28.90
N GLU B 342 24.04 -26.75 28.46
CA GLU B 342 25.29 -27.12 27.74
C GLU B 342 25.43 -26.50 26.35
N GLY B 343 24.33 -26.35 25.58
CA GLY B 343 24.40 -25.62 24.31
C GLY B 343 24.84 -24.17 24.48
N LEU B 344 24.44 -23.60 25.61
CA LEU B 344 24.58 -22.20 25.88
C LEU B 344 25.92 -21.92 26.50
N ARG B 345 26.42 -22.88 27.30
CA ARG B 345 27.86 -22.88 27.66
C ARG B 345 28.74 -22.98 26.42
N ARG B 346 28.50 -23.99 25.59
CA ARG B 346 29.29 -24.24 24.36
C ARG B 346 29.31 -23.09 23.37
N ALA B 347 28.13 -22.55 23.09
CA ALA B 347 27.96 -21.27 22.36
C ALA B 347 28.69 -20.05 22.96
N SER B 348 28.45 -19.77 24.23
CA SER B 348 29.14 -18.64 24.89
C SER B 348 30.66 -18.80 24.85
N ALA B 349 31.17 -19.99 25.19
CA ALA B 349 32.61 -20.29 25.07
C ALA B 349 33.21 -20.15 23.67
N ALA B 350 32.52 -20.55 22.60
CA ALA B 350 33.00 -20.39 21.23
C ALA B 350 33.29 -18.92 20.90
N ILE B 351 32.42 -17.99 21.32
CA ILE B 351 32.72 -16.57 21.19
C ILE B 351 33.89 -16.19 22.12
N ASP B 352 33.69 -16.30 23.42
CA ASP B 352 34.66 -15.84 24.43
C ASP B 352 36.04 -16.40 24.51
N THR B 353 36.30 -17.55 23.90
CA THR B 353 37.63 -18.09 23.78
C THR B 353 38.26 -17.58 22.50
N GLY B 354 37.49 -16.81 21.72
CA GLY B 354 37.95 -16.32 20.41
C GLY B 354 37.89 -17.37 19.34
N ALA B 355 37.40 -18.58 19.66
CA ALA B 355 37.21 -19.69 18.68
C ALA B 355 36.36 -19.25 17.50
N ALA B 356 35.29 -18.49 17.74
CA ALA B 356 34.38 -18.08 16.65
C ALA B 356 34.99 -17.10 15.60
N GLU B 357 35.61 -16.05 16.07
CA GLU B 357 36.47 -15.15 15.30
C GLU B 357 37.60 -15.85 14.50
N GLN B 358 38.34 -16.73 15.17
CA GLN B 358 39.31 -17.58 14.51
C GLN B 358 38.76 -18.53 13.46
N LEU B 359 37.61 -19.14 13.70
CA LEU B 359 37.00 -19.94 12.66
C LEU B 359 36.57 -19.10 11.44
N LEU B 360 36.01 -17.92 11.64
CA LEU B 360 35.78 -17.05 10.52
C LEU B 360 37.07 -16.75 9.67
N ALA B 361 38.17 -16.37 10.34
CA ALA B 361 39.46 -16.00 9.66
C ALA B 361 39.89 -17.18 8.88
N ARG B 362 39.80 -18.32 9.48
CA ARG B 362 40.14 -19.60 8.82
C ARG B 362 39.29 -20.00 7.58
N TRP B 363 38.00 -19.72 7.65
CA TRP B 363 37.07 -20.03 6.56
C TRP B 363 37.40 -19.12 5.35
N VAL B 364 37.65 -17.85 5.64
CA VAL B 364 38.09 -16.85 4.67
C VAL B 364 39.41 -17.24 3.98
N ARG B 365 40.33 -17.73 4.80
CA ARG B 365 41.63 -18.15 4.41
C ARG B 365 41.62 -19.36 3.50
N PHE B 366 40.84 -20.37 3.88
CA PHE B 366 40.45 -21.44 2.96
C PHE B 366 40.01 -21.03 1.54
N GLY B 367 39.03 -20.15 1.39
CA GLY B 367 38.62 -19.68 0.06
C GLY B 367 39.75 -18.93 -0.70
N ARG B 368 40.59 -18.14 -0.02
CA ARG B 368 41.68 -17.45 -0.66
C ARG B 368 42.92 -18.30 -1.10
N GLN B 369 42.93 -19.61 -0.76
CA GLN B 369 43.91 -20.55 -1.19
C GLN B 369 43.80 -20.86 -2.70
N ILE B 370 44.80 -21.50 -3.26
CA ILE B 370 44.75 -21.94 -4.63
C ILE B 370 44.30 -23.43 -4.59
#